data_4YMS
#
_entry.id   4YMS
#
_cell.length_a   96.096
_cell.length_b   114.209
_cell.length_c   302.019
_cell.angle_alpha   90.00
_cell.angle_beta   90.00
_cell.angle_gamma   90.00
#
_symmetry.space_group_name_H-M   'C 2 2 21'
#
loop_
_entity.id
_entity.type
_entity.pdbx_description
1 polymer 'ABC-type polar amino acid transport system, ATPase component'
2 polymer 'ABC-type amino acid transport system, permease component'
#
loop_
_entity_poly.entity_id
_entity_poly.type
_entity_poly.pdbx_seq_one_letter_code
_entity_poly.pdbx_strand_id
1 'polypeptide(L)'
;MIFVNDVYKNFGSLEVLKGVTLKVNKGEVVVIIGPSGSGKSTLLRCINLLEEPTKGEVFIDGVKINNGKVNINKVRQKVG
MVFQHFNLFPHLTAIENITLAPVKVKKMNKKEAEELAVDLLAKVGLLDKKDQYPIKLSGGQKQRLAIARALAMQPEVMLF
DEPTSALDPEMVKEVLNVMKQLANEGMTMVVVTHEMGFAREVGDRVIFMDDGVIVEEGTPEEIFYRAKNERTREFLSKIL
;
J,A
2 'polypeptide(L)'
;MTVDFLSMVKYTPLFISGLIMTLKLTFLAVTIGVLMGLFIALMKMSSIKPIKLVASSYIEVIRGTPLLVQLLLIYNGLMQ
FGMNIPAFTAGVSALAINSSAYVAEIIRAGIQAVDPGQNEAARSLGMTHAMAMRYVIIPQAIKNILPALGNEFIVMLKES
AIVSVIGFADLTRQADIIQSVTYRYFEPYIIIAAIYFVMTLTFSKLLSLFERRLRAGDIR
;
D,C
#
# COMPACT_ATOMS: atom_id res chain seq x y z
N MET A 1 3.17 4.50 -41.72
CA MET A 1 3.80 4.79 -40.39
C MET A 1 3.30 4.06 -39.13
N ILE A 2 2.04 4.19 -38.74
CA ILE A 2 1.49 3.34 -37.67
C ILE A 2 0.30 2.58 -38.20
N PHE A 3 0.26 1.28 -38.01
CA PHE A 3 -0.86 0.51 -38.48
C PHE A 3 -1.18 -0.59 -37.48
N VAL A 4 -2.14 -0.31 -36.60
CA VAL A 4 -2.67 -1.36 -35.74
C VAL A 4 -3.71 -2.09 -36.55
N ASN A 5 -3.59 -3.41 -36.68
CA ASN A 5 -4.46 -4.14 -37.59
C ASN A 5 -5.31 -5.22 -36.94
N ASP A 6 -6.58 -4.88 -36.73
CA ASP A 6 -7.62 -5.75 -36.19
C ASP A 6 -7.16 -6.48 -34.93
N VAL A 7 -6.71 -5.74 -33.93
CA VAL A 7 -6.28 -6.41 -32.72
C VAL A 7 -7.42 -6.64 -31.74
N TYR A 8 -7.20 -7.64 -30.91
CA TYR A 8 -8.06 -7.98 -29.80
C TYR A 8 -7.11 -8.05 -28.62
N LYS A 9 -7.58 -7.74 -27.42
CA LYS A 9 -6.79 -7.97 -26.23
C LYS A 9 -7.70 -8.44 -25.10
N ASN A 10 -7.21 -9.42 -24.33
CA ASN A 10 -7.87 -9.94 -23.13
C ASN A 10 -6.98 -9.82 -21.92
N PHE A 11 -7.57 -9.41 -20.81
CA PHE A 11 -6.95 -9.62 -19.52
C PHE A 11 -7.82 -10.62 -18.78
N GLY A 12 -7.44 -11.90 -18.91
CA GLY A 12 -8.25 -12.99 -18.42
C GLY A 12 -9.58 -13.01 -19.16
N SER A 13 -10.66 -13.04 -18.40
CA SER A 13 -12.01 -13.07 -18.96
C SER A 13 -12.42 -11.71 -19.48
N LEU A 14 -11.60 -10.69 -19.19
CA LEU A 14 -11.96 -9.33 -19.59
C LEU A 14 -11.51 -9.04 -21.04
N GLU A 15 -12.51 -8.88 -21.92
CA GLU A 15 -12.23 -8.54 -23.31
C GLU A 15 -12.17 -7.03 -23.49
N VAL A 16 -10.97 -6.47 -23.62
CA VAL A 16 -10.81 -5.01 -23.64
C VAL A 16 -10.82 -4.43 -25.08
N LEU A 17 -10.09 -5.05 -26.00
CA LEU A 17 -10.19 -4.66 -27.42
C LEU A 17 -10.86 -5.79 -28.21
N LYS A 18 -11.88 -5.50 -28.98
CA LYS A 18 -12.64 -6.55 -29.67
C LYS A 18 -12.61 -6.36 -31.18
N GLY A 19 -11.42 -6.19 -31.75
CA GLY A 19 -11.26 -6.03 -33.18
C GLY A 19 -11.13 -4.59 -33.57
N VAL A 20 -9.93 -4.03 -33.40
CA VAL A 20 -9.71 -2.62 -33.66
C VAL A 20 -8.62 -2.39 -34.69
N THR A 21 -8.84 -1.45 -35.60
CA THR A 21 -7.86 -1.08 -36.62
C THR A 21 -7.62 0.44 -36.61
N LEU A 22 -6.35 0.84 -36.62
CA LEU A 22 -6.01 2.26 -36.60
C LEU A 22 -4.81 2.55 -37.49
N LYS A 23 -4.95 3.45 -38.46
CA LYS A 23 -3.78 3.85 -39.27
C LYS A 23 -3.49 5.32 -38.98
N VAL A 24 -2.24 5.66 -38.71
CA VAL A 24 -1.92 7.09 -38.66
C VAL A 24 -0.63 7.37 -39.45
N ASN A 25 -0.68 8.42 -40.26
CA ASN A 25 0.42 8.83 -41.13
C ASN A 25 1.13 10.08 -40.66
N LYS A 26 2.25 10.40 -41.29
CA LYS A 26 3.08 11.47 -40.76
C LYS A 26 2.32 12.81 -40.71
N GLY A 27 2.33 13.45 -39.55
CA GLY A 27 1.79 14.79 -39.39
C GLY A 27 0.38 14.92 -38.82
N GLU A 28 -0.32 13.79 -38.77
CA GLU A 28 -1.64 13.72 -38.19
C GLU A 28 -1.62 13.92 -36.69
N VAL A 29 -2.62 14.59 -36.15
CA VAL A 29 -2.86 14.54 -34.73
C VAL A 29 -4.17 13.78 -34.52
N VAL A 30 -4.08 12.54 -34.06
CA VAL A 30 -5.26 11.72 -33.86
C VAL A 30 -5.64 11.70 -32.39
N VAL A 31 -6.91 11.96 -32.09
CA VAL A 31 -7.36 11.98 -30.71
C VAL A 31 -8.43 10.92 -30.50
N ILE A 32 -8.20 10.07 -29.50
CA ILE A 32 -9.10 8.97 -29.16
C ILE A 32 -9.87 9.28 -27.87
N ILE A 33 -11.19 9.13 -27.93
CA ILE A 33 -12.05 9.45 -26.80
C ILE A 33 -13.05 8.35 -26.53
N GLY A 34 -13.68 8.40 -25.36
CA GLY A 34 -14.67 7.40 -25.01
C GLY A 34 -14.74 7.23 -23.52
N PRO A 35 -15.79 6.56 -23.06
CA PRO A 35 -16.04 6.34 -21.63
C PRO A 35 -14.99 5.46 -21.03
N SER A 36 -14.92 5.42 -19.71
CA SER A 36 -13.95 4.55 -19.07
C SER A 36 -14.27 3.12 -19.49
N GLY A 37 -13.25 2.30 -19.72
CA GLY A 37 -13.53 0.95 -20.14
C GLY A 37 -13.84 0.79 -21.62
N SER A 38 -13.52 1.82 -22.41
CA SER A 38 -13.69 1.78 -23.87
C SER A 38 -12.55 1.04 -24.56
N GLY A 39 -11.39 1.01 -23.91
CA GLY A 39 -10.23 0.33 -24.43
C GLY A 39 -9.22 1.28 -25.06
N LYS A 40 -9.52 2.59 -25.03
CA LYS A 40 -8.67 3.65 -25.60
C LYS A 40 -7.21 3.44 -25.28
N SER A 41 -6.92 3.37 -23.98
CA SER A 41 -5.54 3.32 -23.51
C SER A 41 -4.88 2.01 -23.91
N THR A 42 -5.68 0.97 -24.01
CA THR A 42 -5.16 -0.32 -24.38
C THR A 42 -4.73 -0.25 -25.84
N LEU A 43 -5.57 0.33 -26.69
CA LEU A 43 -5.22 0.52 -28.09
C LEU A 43 -3.96 1.36 -28.22
N LEU A 44 -3.91 2.50 -27.55
CA LEU A 44 -2.74 3.37 -27.53
C LEU A 44 -1.46 2.63 -27.12
N ARG A 45 -1.57 1.73 -26.14
CA ARG A 45 -0.41 1.01 -25.64
C ARG A 45 -0.06 -0.20 -26.49
N CYS A 46 -0.93 -0.56 -27.44
CA CYS A 46 -0.54 -1.56 -28.43
C CYS A 46 0.47 -1.01 -29.45
N ILE A 47 0.47 0.30 -29.64
CA ILE A 47 1.28 0.92 -30.69
C ILE A 47 2.78 0.70 -30.47
N ASN A 48 3.22 0.80 -29.23
CA ASN A 48 4.64 0.57 -28.93
C ASN A 48 4.83 -0.72 -28.16
N LEU A 49 3.85 -1.61 -28.29
CA LEU A 49 3.86 -2.94 -27.63
C LEU A 49 3.98 -2.95 -26.10
N LEU A 50 3.49 -1.93 -25.41
CA LEU A 50 3.37 -2.02 -23.96
C LEU A 50 2.29 -3.02 -23.60
N GLU A 51 1.40 -3.28 -24.56
CA GLU A 51 0.46 -4.37 -24.43
C GLU A 51 0.70 -5.24 -25.63
N GLU A 52 0.48 -6.53 -25.47
CA GLU A 52 0.59 -7.38 -26.61
C GLU A 52 -0.77 -7.86 -27.03
N PRO A 53 -1.13 -7.62 -28.28
CA PRO A 53 -2.40 -8.09 -28.79
C PRO A 53 -2.60 -9.59 -28.58
N THR A 54 -3.83 -9.98 -28.26
CA THR A 54 -4.19 -11.39 -28.18
C THR A 54 -4.27 -11.94 -29.60
N LYS A 55 -4.74 -11.10 -30.50
CA LYS A 55 -4.78 -11.42 -31.92
C LYS A 55 -4.49 -10.15 -32.68
N GLY A 56 -4.31 -10.26 -33.99
CA GLY A 56 -4.02 -9.09 -34.79
C GLY A 56 -2.57 -8.69 -34.70
N GLU A 57 -2.19 -7.69 -35.50
CA GLU A 57 -0.79 -7.29 -35.64
C GLU A 57 -0.61 -5.79 -35.61
N VAL A 58 0.56 -5.32 -35.20
CA VAL A 58 0.82 -3.89 -35.31
C VAL A 58 2.13 -3.66 -36.05
N PHE A 59 2.08 -2.77 -37.05
CA PHE A 59 3.21 -2.41 -37.88
C PHE A 59 3.61 -1.01 -37.58
N ILE A 60 4.90 -0.73 -37.50
CA ILE A 60 5.30 0.66 -37.56
C ILE A 60 6.35 0.85 -38.67
N ASP A 61 6.14 1.90 -39.46
CA ASP A 61 6.89 2.19 -40.67
C ASP A 61 6.92 0.98 -41.59
N GLY A 62 5.83 0.23 -41.58
CA GLY A 62 5.67 -0.87 -42.50
C GLY A 62 6.26 -2.18 -42.01
N VAL A 63 6.88 -2.22 -40.82
CA VAL A 63 7.44 -3.50 -40.32
C VAL A 63 6.64 -4.00 -39.12
N LYS A 64 6.30 -5.28 -39.14
CA LYS A 64 5.54 -5.92 -38.08
C LYS A 64 6.37 -5.98 -36.80
N ILE A 65 5.80 -5.57 -35.67
CA ILE A 65 6.64 -5.51 -34.50
C ILE A 65 6.19 -6.50 -33.43
N ASN A 66 5.06 -7.16 -33.64
CA ASN A 66 4.59 -8.13 -32.66
C ASN A 66 4.69 -9.56 -33.20
N ASN A 67 5.83 -9.88 -33.77
CA ASN A 67 6.11 -11.23 -34.21
C ASN A 67 7.29 -11.88 -33.48
N GLY A 68 7.83 -11.18 -32.47
CA GLY A 68 8.98 -11.66 -31.72
C GLY A 68 10.26 -11.73 -32.55
N LYS A 69 10.17 -11.25 -33.78
CA LYS A 69 11.32 -11.23 -34.69
C LYS A 69 11.78 -9.78 -34.93
N VAL A 70 11.75 -8.97 -33.87
CA VAL A 70 12.16 -7.56 -33.99
C VAL A 70 12.70 -7.00 -32.68
N ASN A 71 13.67 -6.10 -32.79
CA ASN A 71 14.27 -5.45 -31.62
C ASN A 71 13.38 -4.33 -31.14
N ILE A 72 12.70 -4.59 -30.02
CA ILE A 72 11.65 -3.71 -29.54
C ILE A 72 12.21 -2.38 -29.05
N ASN A 73 13.46 -2.40 -28.61
CA ASN A 73 14.10 -1.19 -28.10
C ASN A 73 14.30 -0.19 -29.22
N LYS A 74 14.67 -0.69 -30.41
CA LYS A 74 14.78 0.15 -31.60
C LYS A 74 13.43 0.78 -31.99
N VAL A 75 12.34 0.00 -31.91
CA VAL A 75 10.98 0.55 -32.07
C VAL A 75 10.68 1.67 -31.10
N ARG A 76 10.80 1.41 -29.80
CA ARG A 76 10.41 2.44 -28.85
C ARG A 76 11.32 3.67 -28.98
N GLN A 77 12.45 3.50 -29.67
CA GLN A 77 13.24 4.68 -30.02
C GLN A 77 12.48 5.60 -30.99
N LYS A 78 11.64 5.01 -31.84
CA LYS A 78 10.88 5.80 -32.81
C LYS A 78 9.55 6.36 -32.28
N VAL A 79 8.97 5.62 -31.33
CA VAL A 79 7.65 5.89 -30.78
C VAL A 79 7.75 6.27 -29.33
N GLY A 80 7.69 7.56 -29.04
CA GLY A 80 7.70 8.06 -27.68
C GLY A 80 6.36 7.88 -26.97
N MET A 81 6.37 8.00 -25.64
CA MET A 81 5.17 7.82 -24.83
C MET A 81 5.22 8.70 -23.58
N VAL A 82 4.14 9.46 -23.37
CA VAL A 82 3.97 10.30 -22.19
C VAL A 82 2.85 9.70 -21.37
N PHE A 83 3.10 9.55 -20.07
CA PHE A 83 2.19 8.77 -19.22
C PHE A 83 1.25 9.58 -18.36
N GLN A 84 0.08 9.02 -18.08
CA GLN A 84 -0.87 9.70 -17.21
C GLN A 84 -0.19 10.07 -15.88
N HIS A 85 0.61 9.18 -15.32
CA HIS A 85 1.16 9.50 -14.02
C HIS A 85 2.62 9.86 -14.06
N PHE A 86 3.04 10.43 -15.20
CA PHE A 86 4.37 11.02 -15.41
C PHE A 86 5.50 9.96 -15.54
N ASN A 87 5.61 9.07 -14.55
CA ASN A 87 6.66 8.06 -14.48
C ASN A 87 8.07 8.63 -14.60
N LEU A 88 8.30 9.76 -13.94
CA LEU A 88 9.64 10.33 -13.84
C LEU A 88 10.53 9.46 -13.02
N PHE A 89 11.81 9.51 -13.35
CA PHE A 89 12.85 8.86 -12.57
C PHE A 89 13.20 9.74 -11.38
N PRO A 90 12.83 9.29 -10.16
CA PRO A 90 12.89 10.07 -8.92
C PRO A 90 14.30 10.34 -8.42
N HIS A 91 15.22 9.41 -8.66
CA HIS A 91 16.59 9.54 -8.20
C HIS A 91 17.45 10.38 -9.12
N LEU A 92 16.86 10.79 -10.24
CA LEU A 92 17.57 11.62 -11.22
C LEU A 92 16.96 13.00 -11.29
N THR A 93 17.82 14.00 -11.42
CA THR A 93 17.37 15.37 -11.57
C THR A 93 16.65 15.56 -12.93
N ALA A 94 16.11 16.75 -13.15
CA ALA A 94 15.38 17.03 -14.39
C ALA A 94 16.23 16.76 -15.62
N ILE A 95 17.35 17.47 -15.69
CA ILE A 95 18.26 17.33 -16.81
C ILE A 95 18.74 15.88 -16.92
N GLU A 96 19.08 15.25 -15.80
CA GLU A 96 19.57 13.87 -15.84
C GLU A 96 18.47 12.96 -16.38
N ASN A 97 17.23 13.25 -15.99
CA ASN A 97 16.08 12.56 -16.54
C ASN A 97 16.14 12.62 -18.05
N ILE A 98 16.34 13.83 -18.56
CA ILE A 98 16.30 14.04 -20.00
C ILE A 98 17.44 13.33 -20.74
N THR A 99 18.66 13.41 -20.18
CA THR A 99 19.86 12.94 -20.87
C THR A 99 20.19 11.46 -20.65
N LEU A 100 19.55 10.80 -19.69
CA LEU A 100 19.84 9.38 -19.47
C LEU A 100 19.76 8.55 -20.75
N ALA A 101 18.63 8.55 -21.45
CA ALA A 101 18.45 7.69 -22.62
C ALA A 101 19.32 8.06 -23.81
N PRO A 102 19.40 9.37 -24.14
CA PRO A 102 20.28 9.65 -25.29
C PRO A 102 21.70 9.15 -25.01
N VAL A 103 22.20 9.39 -23.81
CA VAL A 103 23.53 8.94 -23.43
C VAL A 103 23.65 7.44 -23.44
N LYS A 104 22.68 6.72 -22.92
CA LYS A 104 22.81 5.28 -22.80
C LYS A 104 22.26 4.49 -23.99
N VAL A 105 21.32 5.07 -24.74
CA VAL A 105 20.75 4.32 -25.87
C VAL A 105 21.38 4.71 -27.22
N LYS A 106 21.48 6.01 -27.45
CA LYS A 106 22.01 6.56 -28.70
C LYS A 106 23.49 6.73 -28.60
N LYS A 107 23.99 6.60 -27.36
CA LYS A 107 25.39 6.73 -27.06
C LYS A 107 25.86 8.13 -27.43
N MET A 108 25.02 9.11 -27.19
CA MET A 108 25.37 10.50 -27.44
C MET A 108 26.49 11.01 -26.54
N ASN A 109 27.24 11.97 -27.08
CA ASN A 109 28.26 12.69 -26.32
C ASN A 109 27.59 13.56 -25.25
N LYS A 110 28.13 13.53 -24.03
CA LYS A 110 27.48 14.15 -22.86
C LYS A 110 27.30 15.67 -22.97
N LYS A 111 28.23 16.35 -23.62
CA LYS A 111 28.08 17.79 -23.82
C LYS A 111 26.90 18.04 -24.76
N GLU A 112 26.80 17.21 -25.79
CA GLU A 112 25.71 17.33 -26.76
C GLU A 112 24.36 17.04 -26.09
N ALA A 113 24.31 15.96 -25.32
CA ALA A 113 23.12 15.60 -24.54
C ALA A 113 22.73 16.75 -23.62
N GLU A 114 23.72 17.34 -22.96
CA GLU A 114 23.50 18.43 -22.04
C GLU A 114 22.82 19.59 -22.78
N GLU A 115 23.30 19.87 -23.99
CA GLU A 115 22.74 20.98 -24.78
C GLU A 115 21.33 20.70 -25.28
N LEU A 116 21.09 19.47 -25.73
CA LEU A 116 19.73 19.03 -26.08
C LEU A 116 18.80 19.29 -24.90
N ALA A 117 19.20 18.83 -23.73
CA ALA A 117 18.40 18.97 -22.53
C ALA A 117 18.11 20.42 -22.22
N VAL A 118 19.11 21.30 -22.28
CA VAL A 118 18.83 22.69 -21.92
C VAL A 118 17.95 23.33 -23.00
N ASP A 119 18.06 22.85 -24.22
CA ASP A 119 17.18 23.35 -25.27
C ASP A 119 15.74 22.99 -24.95
N LEU A 120 15.50 21.71 -24.65
CA LEU A 120 14.17 21.23 -24.37
C LEU A 120 13.55 21.81 -23.08
N LEU A 121 14.36 21.88 -22.03
CA LEU A 121 13.95 22.53 -20.80
C LEU A 121 13.51 23.96 -21.09
N ALA A 122 14.29 24.67 -21.89
CA ALA A 122 13.88 25.99 -22.30
C ALA A 122 12.56 25.91 -23.07
N LYS A 123 12.43 24.87 -23.90
CA LYS A 123 11.29 24.76 -24.79
C LYS A 123 10.01 24.64 -23.99
N VAL A 124 10.01 23.75 -23.00
CA VAL A 124 8.84 23.53 -22.17
C VAL A 124 8.85 24.39 -20.91
N GLY A 125 9.76 25.35 -20.83
CA GLY A 125 9.77 26.29 -19.72
C GLY A 125 10.17 25.73 -18.36
N LEU A 126 11.24 24.96 -18.32
CA LEU A 126 11.71 24.36 -17.08
C LEU A 126 13.18 24.65 -16.87
N LEU A 127 13.65 25.76 -17.44
CA LEU A 127 15.07 26.09 -17.43
C LEU A 127 15.62 26.23 -16.02
N ASP A 128 14.86 26.93 -15.18
CA ASP A 128 15.30 27.20 -13.82
C ASP A 128 15.18 25.97 -12.93
N LYS A 129 14.79 24.84 -13.51
CA LYS A 129 14.59 23.61 -12.75
C LYS A 129 15.52 22.47 -13.17
N LYS A 130 16.58 22.79 -13.93
CA LYS A 130 17.41 21.75 -14.56
C LYS A 130 18.00 20.81 -13.54
N ASP A 131 18.37 21.33 -12.37
CA ASP A 131 19.01 20.53 -11.34
C ASP A 131 18.13 20.28 -10.13
N GLN A 132 16.83 20.53 -10.29
CA GLN A 132 15.86 20.16 -9.26
C GLN A 132 15.37 18.73 -9.45
N TYR A 133 15.04 18.05 -8.37
CA TYR A 133 14.58 16.68 -8.47
C TYR A 133 13.10 16.59 -8.71
N PRO A 134 12.68 15.41 -9.34
CA PRO A 134 11.24 15.40 -9.68
C PRO A 134 10.29 15.76 -8.57
N ILE A 135 10.73 15.66 -7.34
CA ILE A 135 9.80 15.80 -6.23
C ILE A 135 9.51 17.24 -5.92
N LYS A 136 10.33 18.14 -6.43
CA LYS A 136 10.14 19.54 -6.17
C LYS A 136 9.31 20.16 -7.24
N LEU A 137 8.80 19.34 -8.15
CA LEU A 137 8.03 19.87 -9.23
C LEU A 137 6.58 19.65 -8.95
N SER A 138 5.79 20.63 -9.32
CA SER A 138 4.33 20.50 -9.33
C SER A 138 3.95 19.58 -10.47
N GLY A 139 2.72 19.09 -10.48
CA GLY A 139 2.28 18.15 -11.49
C GLY A 139 2.47 18.60 -12.93
N GLY A 140 2.08 19.84 -13.22
CA GLY A 140 2.27 20.44 -14.52
C GLY A 140 3.72 20.48 -14.93
N GLN A 141 4.57 20.94 -14.02
CA GLN A 141 6.01 20.93 -14.26
C GLN A 141 6.50 19.51 -14.53
N LYS A 142 5.97 18.55 -13.79
CA LYS A 142 6.35 17.15 -13.94
C LYS A 142 6.04 16.67 -15.35
N GLN A 143 4.84 16.94 -15.82
CA GLN A 143 4.45 16.43 -17.11
C GLN A 143 5.19 17.18 -18.21
N ARG A 144 5.52 18.45 -17.99
CA ARG A 144 6.30 19.14 -18.99
C ARG A 144 7.71 18.52 -19.09
N LEU A 145 8.32 18.17 -17.96
CA LEU A 145 9.60 17.47 -17.93
C LEU A 145 9.48 16.12 -18.64
N ALA A 146 8.44 15.36 -18.33
CA ALA A 146 8.27 14.06 -18.97
C ALA A 146 8.23 14.26 -20.49
N ILE A 147 7.56 15.32 -20.91
CA ILE A 147 7.49 15.62 -22.33
C ILE A 147 8.88 15.98 -22.93
N ALA A 148 9.65 16.82 -22.23
CA ALA A 148 10.99 17.17 -22.67
C ALA A 148 11.85 15.91 -22.82
N ARG A 149 11.80 15.09 -21.77
CA ARG A 149 12.51 13.83 -21.71
C ARG A 149 12.17 12.93 -22.89
N ALA A 150 10.89 12.88 -23.26
CA ALA A 150 10.50 12.04 -24.36
C ALA A 150 11.10 12.57 -25.64
N LEU A 151 11.02 13.90 -25.78
CA LEU A 151 11.48 14.62 -26.98
C LEU A 151 12.95 14.50 -27.26
N ALA A 152 13.76 14.42 -26.20
CA ALA A 152 15.20 14.31 -26.37
C ALA A 152 15.58 13.07 -27.16
N MET A 153 14.74 12.04 -27.16
CA MET A 153 15.01 10.86 -27.95
C MET A 153 14.50 11.03 -29.38
N GLN A 154 14.02 12.24 -29.66
CA GLN A 154 13.51 12.62 -30.97
C GLN A 154 12.74 11.53 -31.70
N PRO A 155 11.52 11.21 -31.20
CA PRO A 155 10.68 10.21 -31.87
C PRO A 155 10.02 10.79 -33.11
N GLU A 156 9.50 9.91 -33.95
CA GLU A 156 8.79 10.37 -35.13
C GLU A 156 7.29 10.44 -34.84
N VAL A 157 6.85 9.75 -33.78
CA VAL A 157 5.47 9.84 -33.31
C VAL A 157 5.47 9.84 -31.79
N MET A 158 4.59 10.64 -31.21
CA MET A 158 4.46 10.70 -29.77
C MET A 158 3.11 10.17 -29.34
N LEU A 159 3.12 9.27 -28.37
CA LEU A 159 1.86 8.77 -27.79
C LEU A 159 1.60 9.46 -26.46
N PHE A 160 0.38 9.94 -26.28
CA PHE A 160 -0.01 10.62 -25.05
C PHE A 160 -1.13 9.82 -24.41
N ASP A 161 -0.85 9.23 -23.26
CA ASP A 161 -1.86 8.41 -22.60
C ASP A 161 -2.47 9.18 -21.45
N GLU A 162 -3.51 9.95 -21.74
CA GLU A 162 -4.18 10.80 -20.75
C GLU A 162 -3.22 11.62 -19.92
N PRO A 163 -2.46 12.50 -20.58
CA PRO A 163 -1.37 13.23 -19.94
C PRO A 163 -1.88 14.25 -18.95
N THR A 164 -3.19 14.51 -18.95
CA THR A 164 -3.77 15.57 -18.13
C THR A 164 -4.63 15.10 -16.96
N SER A 165 -5.05 13.83 -16.93
CA SER A 165 -6.03 13.36 -15.93
C SER A 165 -5.63 13.42 -14.47
N ALA A 166 -4.35 13.34 -14.16
CA ALA A 166 -3.95 13.36 -12.78
C ALA A 166 -3.42 14.74 -12.40
N LEU A 167 -3.85 15.76 -13.13
CA LEU A 167 -3.42 17.12 -12.84
C LEU A 167 -4.52 17.90 -12.14
N ASP A 168 -4.14 18.77 -11.21
CA ASP A 168 -5.09 19.68 -10.64
C ASP A 168 -5.56 20.60 -11.77
N PRO A 169 -6.83 21.02 -11.74
CA PRO A 169 -7.41 21.78 -12.86
C PRO A 169 -6.64 23.03 -13.24
N GLU A 170 -6.03 23.71 -12.27
CA GLU A 170 -5.21 24.90 -12.56
C GLU A 170 -3.97 24.59 -13.33
N MET A 171 -3.76 23.31 -13.64
CA MET A 171 -2.47 22.87 -14.18
C MET A 171 -2.57 22.24 -15.57
N VAL A 172 -3.79 21.94 -15.99
CA VAL A 172 -4.07 21.38 -17.31
C VAL A 172 -3.58 22.26 -18.49
N LYS A 173 -3.89 23.56 -18.45
CA LYS A 173 -3.59 24.45 -19.57
C LYS A 173 -2.15 24.36 -20.04
N GLU A 174 -1.22 24.56 -19.10
CA GLU A 174 0.19 24.67 -19.43
C GLU A 174 0.65 23.39 -20.11
N VAL A 175 0.15 22.25 -19.68
CA VAL A 175 0.62 21.03 -20.33
C VAL A 175 0.01 20.93 -21.73
N LEU A 176 -1.28 21.24 -21.84
CA LEU A 176 -1.95 21.15 -23.13
C LEU A 176 -1.26 22.06 -24.16
N ASN A 177 -0.87 23.24 -23.71
CA ASN A 177 -0.18 24.19 -24.58
C ASN A 177 1.05 23.57 -25.22
N VAL A 178 1.85 22.88 -24.40
CA VAL A 178 3.05 22.24 -24.93
C VAL A 178 2.64 21.27 -26.02
N MET A 179 1.63 20.45 -25.74
CA MET A 179 1.15 19.49 -26.73
C MET A 179 0.76 20.21 -28.03
N LYS A 180 0.06 21.33 -27.89
CA LYS A 180 -0.43 22.06 -29.07
C LYS A 180 0.73 22.57 -29.90
N GLN A 181 1.74 23.07 -29.19
CA GLN A 181 2.92 23.57 -29.85
C GLN A 181 3.53 22.42 -30.68
N LEU A 182 3.64 21.24 -30.07
CA LEU A 182 4.14 20.10 -30.80
C LEU A 182 3.24 19.83 -32.01
N ALA A 183 1.94 19.98 -31.85
CA ALA A 183 1.05 19.75 -32.96
C ALA A 183 1.37 20.74 -34.08
N ASN A 184 1.54 22.00 -33.69
CA ASN A 184 1.77 23.08 -34.64
C ASN A 184 3.10 22.98 -35.36
N GLU A 185 4.01 22.18 -34.81
CA GLU A 185 5.31 22.03 -35.42
C GLU A 185 5.31 20.75 -36.23
N GLY A 186 4.13 20.18 -36.42
CA GLY A 186 4.01 19.05 -37.33
C GLY A 186 4.30 17.67 -36.77
N MET A 187 4.49 17.58 -35.45
CA MET A 187 4.69 16.30 -34.78
C MET A 187 3.51 15.34 -34.94
N THR A 188 3.77 14.09 -35.27
CA THR A 188 2.69 13.09 -35.32
C THR A 188 2.31 12.69 -33.90
N MET A 189 1.02 12.69 -33.62
CA MET A 189 0.51 12.55 -32.25
C MET A 189 -0.67 11.62 -32.18
N VAL A 190 -0.66 10.74 -31.20
CA VAL A 190 -1.87 10.02 -30.90
C VAL A 190 -2.17 10.33 -29.44
N VAL A 191 -3.32 10.93 -29.17
CA VAL A 191 -3.63 11.45 -27.85
C VAL A 191 -4.90 10.82 -27.34
N VAL A 192 -4.84 10.23 -26.16
CA VAL A 192 -6.02 9.78 -25.44
C VAL A 192 -6.32 10.86 -24.42
N THR A 193 -7.50 11.48 -24.45
CA THR A 193 -7.76 12.60 -23.54
C THR A 193 -9.24 12.79 -23.13
N HIS A 194 -9.45 13.56 -22.05
CA HIS A 194 -10.77 14.01 -21.60
C HIS A 194 -11.00 15.47 -21.99
N GLU A 195 -9.93 16.11 -22.47
CA GLU A 195 -9.96 17.54 -22.77
C GLU A 195 -10.31 17.80 -24.22
N MET A 196 -11.60 17.97 -24.48
CA MET A 196 -12.13 18.12 -25.84
C MET A 196 -11.70 19.44 -26.49
N GLY A 197 -11.28 20.40 -25.69
CA GLY A 197 -10.79 21.65 -26.23
C GLY A 197 -9.59 21.44 -27.14
N PHE A 198 -8.68 20.59 -26.67
CA PHE A 198 -7.46 20.24 -27.39
C PHE A 198 -7.81 19.57 -28.70
N ALA A 199 -8.75 18.61 -28.64
CA ALA A 199 -9.17 17.90 -29.84
C ALA A 199 -9.74 18.89 -30.85
N ARG A 200 -10.56 19.84 -30.38
CA ARG A 200 -11.13 20.88 -31.23
C ARG A 200 -10.03 21.69 -31.87
N GLU A 201 -9.09 22.19 -31.06
CA GLU A 201 -8.14 23.16 -31.58
C GLU A 201 -7.09 22.56 -32.51
N VAL A 202 -6.56 21.38 -32.18
CA VAL A 202 -5.40 20.90 -32.94
C VAL A 202 -5.51 19.47 -33.43
N GLY A 203 -6.58 18.79 -33.08
CA GLY A 203 -6.80 17.44 -33.56
C GLY A 203 -7.05 17.47 -35.05
N ASP A 204 -6.57 16.49 -35.77
CA ASP A 204 -6.90 16.41 -37.18
C ASP A 204 -8.06 15.47 -37.36
N ARG A 205 -8.10 14.47 -36.49
CA ARG A 205 -9.00 13.35 -36.64
C ARG A 205 -9.42 12.96 -35.24
N VAL A 206 -10.68 12.59 -35.04
CA VAL A 206 -11.16 12.22 -33.70
C VAL A 206 -11.77 10.83 -33.74
N ILE A 207 -11.33 9.95 -32.85
CA ILE A 207 -11.84 8.60 -32.80
C ILE A 207 -12.69 8.35 -31.55
N PHE A 208 -13.96 7.97 -31.73
CA PHE A 208 -14.79 7.62 -30.59
C PHE A 208 -14.90 6.11 -30.41
N MET A 209 -14.40 5.65 -29.26
CA MET A 209 -14.43 4.23 -28.87
C MET A 209 -15.36 3.91 -27.71
N ASP A 210 -16.05 2.78 -27.84
CA ASP A 210 -16.94 2.29 -26.82
C ASP A 210 -16.98 0.76 -26.86
N ASP A 211 -17.02 0.17 -25.66
CA ASP A 211 -17.05 -1.27 -25.49
C ASP A 211 -16.00 -1.99 -26.37
N GLY A 212 -14.77 -1.47 -26.32
CA GLY A 212 -13.66 -2.10 -27.01
C GLY A 212 -13.69 -2.02 -28.52
N VAL A 213 -14.43 -1.07 -29.05
CA VAL A 213 -14.56 -0.96 -30.48
C VAL A 213 -14.55 0.50 -30.87
N ILE A 214 -14.03 0.80 -32.07
CA ILE A 214 -14.21 2.11 -32.71
C ILE A 214 -15.62 2.18 -33.28
N VAL A 215 -16.48 3.05 -32.73
CA VAL A 215 -17.88 3.01 -33.16
C VAL A 215 -18.13 4.12 -34.17
N GLU A 216 -17.35 5.19 -34.11
CA GLU A 216 -17.45 6.29 -35.08
C GLU A 216 -16.16 7.11 -35.10
N GLU A 217 -15.76 7.61 -36.28
CA GLU A 217 -14.60 8.49 -36.34
C GLU A 217 -14.78 9.49 -37.44
N GLY A 218 -14.01 10.57 -37.40
CA GLY A 218 -14.14 11.64 -38.38
C GLY A 218 -13.35 12.84 -37.91
N THR A 219 -13.54 13.98 -38.55
CA THR A 219 -12.85 15.21 -38.16
C THR A 219 -13.42 15.73 -36.86
N PRO A 220 -12.68 16.64 -36.19
CA PRO A 220 -13.22 17.18 -34.95
C PRO A 220 -14.63 17.74 -35.11
N GLU A 221 -14.86 18.56 -36.13
CA GLU A 221 -16.16 19.20 -36.29
C GLU A 221 -17.22 18.18 -36.64
N GLU A 222 -16.90 17.20 -37.50
CA GLU A 222 -17.83 16.12 -37.80
C GLU A 222 -18.32 15.42 -36.54
N ILE A 223 -17.40 15.00 -35.67
CA ILE A 223 -17.70 14.28 -34.44
C ILE A 223 -18.39 15.15 -33.39
N PHE A 224 -17.93 16.38 -33.21
CA PHE A 224 -18.50 17.21 -32.14
C PHE A 224 -19.82 17.91 -32.49
N TYR A 225 -20.09 18.07 -33.79
CA TYR A 225 -21.24 18.88 -34.25
C TYR A 225 -22.20 18.15 -35.16
N ARG A 226 -21.77 17.06 -35.79
CA ARG A 226 -22.64 16.39 -36.75
C ARG A 226 -22.58 14.88 -36.60
N ALA A 227 -22.37 14.40 -35.38
CA ALA A 227 -22.18 12.97 -35.14
C ALA A 227 -23.33 12.08 -35.59
N LYS A 228 -23.02 11.12 -36.46
CA LYS A 228 -24.04 10.22 -37.00
C LYS A 228 -24.48 9.15 -36.02
N ASN A 229 -23.57 8.59 -35.24
CA ASN A 229 -23.92 7.46 -34.38
C ASN A 229 -24.57 7.87 -33.06
N GLU A 230 -25.46 7.01 -32.57
CA GLU A 230 -26.25 7.30 -31.38
C GLU A 230 -25.40 7.42 -30.12
N ARG A 231 -24.50 6.44 -29.98
CA ARG A 231 -23.62 6.35 -28.82
C ARG A 231 -22.67 7.55 -28.73
N THR A 232 -22.24 8.03 -29.89
CA THR A 232 -21.39 9.20 -29.96
C THR A 232 -22.11 10.43 -29.39
N ARG A 233 -23.35 10.66 -29.85
CA ARG A 233 -24.20 11.75 -29.32
C ARG A 233 -24.45 11.61 -27.81
N GLU A 234 -24.71 10.39 -27.37
CA GLU A 234 -24.98 10.14 -25.96
C GLU A 234 -23.79 10.49 -25.06
N PHE A 235 -22.63 9.89 -25.40
CA PHE A 235 -21.39 10.14 -24.69
C PHE A 235 -21.11 11.66 -24.64
N LEU A 236 -21.20 12.29 -25.81
CA LEU A 236 -20.93 13.73 -25.91
C LEU A 236 -21.89 14.55 -25.06
N SER A 237 -23.14 14.11 -25.01
CA SER A 237 -24.14 14.82 -24.22
C SER A 237 -23.77 14.74 -22.73
N LYS A 238 -23.25 13.61 -22.27
CA LYS A 238 -22.80 13.54 -20.87
C LYS A 238 -21.51 14.36 -20.61
N ILE A 239 -20.70 14.52 -21.64
CA ILE A 239 -19.35 15.08 -21.54
C ILE A 239 -19.21 16.60 -21.75
N LEU A 240 -19.97 17.13 -22.72
CA LEU A 240 -19.81 18.52 -23.17
C LEU A 240 -20.62 19.53 -22.33
N MET B 1 -26.97 30.46 10.84
CA MET B 1 -26.91 28.99 10.74
C MET B 1 -25.54 28.32 10.83
N ILE B 2 -24.63 28.67 9.94
CA ILE B 2 -23.25 28.23 10.09
C ILE B 2 -22.43 29.49 10.25
N PHE B 3 -21.54 29.50 11.23
CA PHE B 3 -20.64 30.62 11.42
C PHE B 3 -19.26 30.15 11.83
N VAL B 4 -18.39 30.00 10.85
CA VAL B 4 -17.00 29.77 11.14
C VAL B 4 -16.37 31.14 11.37
N ASN B 5 -15.71 31.32 12.52
CA ASN B 5 -15.24 32.65 12.90
C ASN B 5 -13.72 32.76 13.06
N ASP B 6 -13.07 33.33 12.04
CA ASP B 6 -11.62 33.56 12.07
C ASP B 6 -10.80 32.36 12.49
N VAL B 7 -11.00 31.21 11.85
CA VAL B 7 -10.23 30.04 12.28
C VAL B 7 -8.89 29.91 11.57
N TYR B 8 -7.98 29.21 12.25
CA TYR B 8 -6.68 28.87 11.74
C TYR B 8 -6.54 27.37 11.87
N LYS B 9 -5.76 26.74 11.00
CA LYS B 9 -5.47 25.32 11.19
C LYS B 9 -4.03 25.02 10.81
N ASN B 10 -3.37 24.19 11.62
CA ASN B 10 -2.03 23.73 11.32
C ASN B 10 -2.00 22.23 11.25
N PHE B 11 -1.25 21.69 10.30
CA PHE B 11 -0.81 20.31 10.41
C PHE B 11 0.71 20.31 10.57
N GLY B 12 1.17 20.37 11.82
CA GLY B 12 2.59 20.54 12.08
C GLY B 12 3.06 21.88 11.54
N SER B 13 4.13 21.84 10.74
CA SER B 13 4.70 23.05 10.18
C SER B 13 3.84 23.59 9.04
N LEU B 14 2.84 22.81 8.61
CA LEU B 14 1.97 23.19 7.51
C LEU B 14 0.79 24.05 7.95
N GLU B 15 0.82 25.33 7.60
CA GLU B 15 -0.31 26.20 7.89
C GLU B 15 -1.33 26.16 6.76
N VAL B 16 -2.46 25.49 6.99
CA VAL B 16 -3.43 25.26 5.93
C VAL B 16 -4.49 26.35 5.92
N LEU B 17 -5.07 26.67 7.07
CA LEU B 17 -5.99 27.80 7.18
C LEU B 17 -5.37 28.92 7.99
N LYS B 18 -5.37 30.13 7.46
CA LYS B 18 -4.65 31.23 8.10
C LYS B 18 -5.56 32.39 8.48
N GLY B 19 -6.71 32.09 9.05
CA GLY B 19 -7.64 33.15 9.38
C GLY B 19 -8.75 33.18 8.36
N VAL B 20 -9.76 32.34 8.57
CA VAL B 20 -10.89 32.24 7.65
C VAL B 20 -12.23 32.41 8.38
N THR B 21 -13.13 33.20 7.79
CA THR B 21 -14.48 33.43 8.34
C THR B 21 -15.52 33.12 7.26
N LEU B 22 -16.52 32.33 7.64
CA LEU B 22 -17.55 31.91 6.71
C LEU B 22 -18.92 31.89 7.39
N LYS B 23 -19.88 32.64 6.88
CA LYS B 23 -21.23 32.57 7.41
C LYS B 23 -22.15 32.07 6.32
N VAL B 24 -22.95 31.06 6.59
CA VAL B 24 -23.94 30.67 5.59
C VAL B 24 -25.30 30.58 6.25
N ASN B 25 -26.32 31.13 5.59
CA ASN B 25 -27.65 31.13 6.19
C ASN B 25 -28.51 30.08 5.52
N LYS B 26 -29.64 29.77 6.13
CA LYS B 26 -30.46 28.66 5.66
C LYS B 26 -30.88 28.89 4.22
N GLY B 27 -30.67 27.88 3.37
CA GLY B 27 -31.16 27.94 2.01
C GLY B 27 -30.12 28.39 0.99
N GLU B 28 -28.99 28.90 1.48
CA GLU B 28 -27.90 29.27 0.60
C GLU B 28 -27.25 28.04 -0.03
N VAL B 29 -26.82 28.18 -1.27
CA VAL B 29 -25.87 27.25 -1.88
C VAL B 29 -24.55 28.01 -2.07
N VAL B 30 -23.58 27.70 -1.21
CA VAL B 30 -22.29 28.40 -1.24
C VAL B 30 -21.26 27.49 -1.90
N VAL B 31 -20.51 28.03 -2.86
CA VAL B 31 -19.51 27.22 -3.53
C VAL B 31 -18.10 27.79 -3.34
N ILE B 32 -17.21 26.94 -2.84
CA ILE B 32 -15.83 27.31 -2.54
C ILE B 32 -14.89 26.73 -3.60
N ILE B 33 -14.07 27.58 -4.21
CA ILE B 33 -13.16 27.19 -5.28
C ILE B 33 -11.75 27.68 -5.03
N GLY B 34 -10.79 27.13 -5.75
CA GLY B 34 -9.41 27.57 -5.56
C GLY B 34 -8.39 26.51 -5.95
N PRO B 35 -7.12 26.91 -6.09
CA PRO B 35 -6.03 26.00 -6.44
C PRO B 35 -5.78 24.97 -5.31
N SER B 36 -5.02 23.91 -5.59
CA SER B 36 -4.69 22.97 -4.52
C SER B 36 -3.86 23.69 -3.46
N GLY B 37 -4.09 23.38 -2.19
CA GLY B 37 -3.38 24.09 -1.14
C GLY B 37 -4.02 25.42 -0.77
N SER B 38 -5.25 25.61 -1.24
CA SER B 38 -5.98 26.82 -0.91
C SER B 38 -6.61 26.74 0.45
N GLY B 39 -6.92 25.52 0.87
CA GLY B 39 -7.54 25.30 2.15
C GLY B 39 -9.03 24.98 2.08
N LYS B 40 -9.57 24.90 0.86
CA LYS B 40 -10.99 24.62 0.59
C LYS B 40 -11.54 23.52 1.47
N SER B 41 -11.00 22.32 1.31
CA SER B 41 -11.53 21.15 1.98
C SER B 41 -11.31 21.20 3.47
N THR B 42 -10.27 21.89 3.91
CA THR B 42 -10.04 21.99 5.34
C THR B 42 -11.10 22.85 6.01
N LEU B 43 -11.37 24.00 5.40
CA LEU B 43 -12.43 24.91 5.86
C LEU B 43 -13.73 24.13 5.86
N LEU B 44 -13.99 23.46 4.74
CA LEU B 44 -15.20 22.65 4.59
C LEU B 44 -15.38 21.66 5.73
N ARG B 45 -14.28 21.02 6.14
CA ARG B 45 -14.34 19.99 7.16
C ARG B 45 -14.30 20.54 8.59
N CYS B 46 -13.98 21.82 8.73
CA CYS B 46 -14.09 22.44 10.06
C CYS B 46 -15.54 22.61 10.50
N ILE B 47 -16.44 22.63 9.53
CA ILE B 47 -17.83 22.90 9.82
C ILE B 47 -18.46 21.79 10.70
N ASN B 48 -18.14 20.53 10.41
CA ASN B 48 -18.66 19.40 11.20
C ASN B 48 -17.56 18.71 12.01
N LEU B 49 -16.50 19.46 12.27
CA LEU B 49 -15.40 19.03 13.13
C LEU B 49 -14.68 17.76 12.70
N LEU B 50 -14.61 17.47 11.41
CA LEU B 50 -13.70 16.43 10.94
C LEU B 50 -12.27 16.94 11.10
N GLU B 51 -12.11 18.25 11.21
CA GLU B 51 -10.86 18.83 11.65
C GLU B 51 -11.08 19.74 12.86
N GLU B 52 -10.06 19.87 13.70
CA GLU B 52 -10.12 20.81 14.82
C GLU B 52 -9.27 22.04 14.56
N PRO B 53 -9.91 23.21 14.58
CA PRO B 53 -9.21 24.48 14.41
C PRO B 53 -8.12 24.68 15.46
N THR B 54 -6.96 25.18 15.05
CA THR B 54 -5.90 25.49 15.99
C THR B 54 -6.29 26.74 16.80
N LYS B 55 -6.98 27.66 16.14
CA LYS B 55 -7.56 28.84 16.78
C LYS B 55 -8.90 29.13 16.12
N GLY B 56 -9.64 30.08 16.67
CA GLY B 56 -10.94 30.47 16.15
C GLY B 56 -12.05 29.55 16.61
N GLU B 57 -13.28 29.89 16.24
CA GLU B 57 -14.42 29.15 16.73
C GLU B 57 -15.40 28.87 15.61
N VAL B 58 -16.17 27.80 15.71
CA VAL B 58 -17.24 27.58 14.74
C VAL B 58 -18.55 27.36 15.50
N PHE B 59 -19.56 28.12 15.12
CA PHE B 59 -20.88 28.06 15.70
C PHE B 59 -21.86 27.49 14.71
N ILE B 60 -22.67 26.53 15.09
CA ILE B 60 -23.78 26.18 14.21
C ILE B 60 -25.08 26.33 14.99
N ASP B 61 -26.06 26.97 14.35
CA ASP B 61 -27.30 27.38 15.01
C ASP B 61 -27.03 28.23 16.25
N GLY B 62 -25.95 29.02 16.21
CA GLY B 62 -25.64 29.96 17.27
C GLY B 62 -24.87 29.40 18.45
N VAL B 63 -24.61 28.09 18.46
CA VAL B 63 -23.85 27.49 19.55
C VAL B 63 -22.49 26.97 19.12
N LYS B 64 -21.46 27.39 19.84
CA LYS B 64 -20.09 26.98 19.58
C LYS B 64 -19.95 25.49 19.82
N ILE B 65 -19.31 24.79 18.88
CA ILE B 65 -19.21 23.33 18.94
C ILE B 65 -17.78 22.84 19.12
N ASN B 66 -16.82 23.75 19.13
CA ASN B 66 -15.43 23.36 19.37
C ASN B 66 -14.89 23.90 20.72
N ASN B 67 -15.70 23.70 21.77
CA ASN B 67 -15.27 24.03 23.13
C ASN B 67 -15.26 22.78 24.02
N GLY B 68 -15.52 21.63 23.41
CA GLY B 68 -15.58 20.37 24.14
C GLY B 68 -16.73 20.27 25.14
N LYS B 69 -17.59 21.28 25.17
CA LYS B 69 -18.74 21.29 26.07
C LYS B 69 -20.06 21.13 25.29
N VAL B 70 -20.02 20.31 24.25
CA VAL B 70 -21.18 20.01 23.41
C VAL B 70 -21.03 18.62 22.77
N ASN B 71 -22.13 17.92 22.57
CA ASN B 71 -22.09 16.57 21.98
C ASN B 71 -21.97 16.64 20.47
N ILE B 72 -20.82 16.19 19.97
CA ILE B 72 -20.51 16.30 18.56
C ILE B 72 -21.40 15.42 17.68
N ASN B 73 -21.85 14.29 18.21
CA ASN B 73 -22.68 13.38 17.43
C ASN B 73 -24.00 14.07 17.12
N LYS B 74 -24.54 14.72 18.14
CA LYS B 74 -25.73 15.54 18.00
C LYS B 74 -25.51 16.64 16.96
N VAL B 75 -24.32 17.22 16.91
CA VAL B 75 -24.02 18.23 15.88
C VAL B 75 -24.12 17.61 14.49
N ARG B 76 -23.32 16.58 14.25
CA ARG B 76 -23.26 15.94 12.94
C ARG B 76 -24.59 15.30 12.52
N GLN B 77 -25.54 15.16 13.45
CA GLN B 77 -26.87 14.71 13.02
C GLN B 77 -27.52 15.79 12.15
N LYS B 78 -27.20 17.05 12.44
CA LYS B 78 -27.74 18.17 11.69
C LYS B 78 -26.93 18.49 10.41
N VAL B 79 -25.66 18.12 10.41
CA VAL B 79 -24.75 18.50 9.34
C VAL B 79 -24.23 17.30 8.52
N GLY B 80 -24.82 17.09 7.35
CA GLY B 80 -24.39 16.03 6.45
C GLY B 80 -23.07 16.26 5.69
N MET B 81 -22.48 15.18 5.20
CA MET B 81 -21.20 15.27 4.50
C MET B 81 -21.06 14.20 3.42
N VAL B 82 -20.78 14.65 2.20
CA VAL B 82 -20.58 13.75 1.09
C VAL B 82 -19.11 13.83 0.72
N PHE B 83 -18.47 12.65 0.60
CA PHE B 83 -17.01 12.57 0.49
C PHE B 83 -16.51 12.39 -0.95
N GLN B 84 -15.32 12.93 -1.22
CA GLN B 84 -14.74 12.83 -2.54
C GLN B 84 -14.70 11.38 -2.97
N HIS B 85 -14.28 10.50 -2.06
CA HIS B 85 -14.10 9.11 -2.42
C HIS B 85 -15.17 8.21 -1.89
N PHE B 86 -16.36 8.79 -1.71
CA PHE B 86 -17.59 8.09 -1.38
C PHE B 86 -17.62 7.58 0.06
N ASN B 87 -16.62 6.80 0.45
CA ASN B 87 -16.58 6.20 1.79
C ASN B 87 -17.85 5.39 2.07
N LEU B 88 -18.28 4.60 1.09
CA LEU B 88 -19.38 3.65 1.30
C LEU B 88 -18.91 2.49 2.21
N PHE B 89 -19.84 1.96 2.98
CA PHE B 89 -19.60 0.77 3.82
C PHE B 89 -19.71 -0.47 2.94
N PRO B 90 -18.57 -1.13 2.68
CA PRO B 90 -18.46 -2.18 1.66
C PRO B 90 -19.21 -3.45 2.01
N HIS B 91 -19.27 -3.79 3.29
CA HIS B 91 -19.92 -5.02 3.74
C HIS B 91 -21.43 -4.89 3.82
N LEU B 92 -21.94 -3.68 3.61
CA LEU B 92 -23.37 -3.40 3.69
C LEU B 92 -23.93 -3.08 2.33
N THR B 93 -25.12 -3.59 2.08
CA THR B 93 -25.84 -3.33 0.85
C THR B 93 -26.32 -1.86 0.76
N ALA B 94 -26.89 -1.50 -0.39
CA ALA B 94 -27.37 -0.12 -0.63
C ALA B 94 -28.35 0.31 0.48
N ILE B 95 -29.42 -0.49 0.63
CA ILE B 95 -30.41 -0.20 1.65
C ILE B 95 -29.78 -0.11 3.03
N GLU B 96 -28.97 -1.12 3.35
CA GLU B 96 -28.33 -1.20 4.66
C GLU B 96 -27.42 -0.01 4.91
N ASN B 97 -26.73 0.40 3.86
CA ASN B 97 -25.93 1.61 3.94
C ASN B 97 -26.77 2.76 4.44
N ILE B 98 -27.91 2.93 3.78
CA ILE B 98 -28.79 4.05 4.06
C ILE B 98 -29.41 3.99 5.47
N THR B 99 -29.83 2.81 5.89
CA THR B 99 -30.57 2.63 7.14
C THR B 99 -29.72 2.41 8.39
N LEU B 100 -28.43 2.14 8.24
CA LEU B 100 -27.60 1.90 9.41
C LEU B 100 -27.70 2.99 10.47
N ALA B 101 -27.42 4.23 10.08
CA ALA B 101 -27.39 5.31 11.05
C ALA B 101 -28.76 5.66 11.65
N PRO B 102 -29.81 5.77 10.80
CA PRO B 102 -31.12 6.08 11.40
C PRO B 102 -31.56 5.06 12.44
N VAL B 103 -31.41 3.78 12.11
CA VAL B 103 -31.79 2.73 13.03
C VAL B 103 -30.95 2.78 14.29
N LYS B 104 -29.65 2.97 14.17
CA LYS B 104 -28.78 2.89 15.34
C LYS B 104 -28.57 4.23 16.06
N VAL B 105 -28.72 5.36 15.36
CA VAL B 105 -28.49 6.66 16.01
C VAL B 105 -29.80 7.30 16.47
N LYS B 106 -30.78 7.29 15.57
CA LYS B 106 -32.09 7.89 15.81
C LYS B 106 -33.05 6.87 16.41
N LYS B 107 -32.64 5.61 16.40
CA LYS B 107 -33.43 4.52 16.92
C LYS B 107 -34.76 4.39 16.18
N MET B 108 -34.73 4.65 14.88
CA MET B 108 -35.91 4.48 14.05
C MET B 108 -36.35 3.02 13.94
N ASN B 109 -37.65 2.84 13.72
CA ASN B 109 -38.26 1.55 13.49
C ASN B 109 -37.77 0.99 12.15
N LYS B 110 -37.44 -0.31 12.12
CA LYS B 110 -36.79 -0.88 10.95
C LYS B 110 -37.66 -0.83 9.68
N LYS B 111 -38.97 -1.03 9.82
CA LYS B 111 -39.85 -0.96 8.67
C LYS B 111 -39.92 0.47 8.13
N GLU B 112 -40.01 1.42 9.05
CA GLU B 112 -40.03 2.83 8.70
C GLU B 112 -38.74 3.25 8.00
N ALA B 113 -37.61 2.86 8.60
CA ALA B 113 -36.30 3.12 8.01
C ALA B 113 -36.22 2.51 6.62
N GLU B 114 -36.75 1.31 6.46
CA GLU B 114 -36.77 0.63 5.17
C GLU B 114 -37.54 1.43 4.12
N GLU B 115 -38.66 1.99 4.52
CA GLU B 115 -39.50 2.77 3.60
C GLU B 115 -38.80 4.07 3.19
N LEU B 116 -38.18 4.73 4.17
CA LEU B 116 -37.34 5.89 3.92
C LEU B 116 -36.28 5.58 2.87
N ALA B 117 -35.56 4.49 3.10
CA ALA B 117 -34.49 4.08 2.20
C ALA B 117 -35.00 3.83 0.79
N VAL B 118 -36.10 3.12 0.64
CA VAL B 118 -36.52 2.87 -0.74
C VAL B 118 -37.01 4.18 -1.41
N ASP B 119 -37.57 5.09 -0.62
CA ASP B 119 -37.92 6.41 -1.18
C ASP B 119 -36.69 7.17 -1.69
N LEU B 120 -35.64 7.19 -0.87
CA LEU B 120 -34.42 7.88 -1.27
C LEU B 120 -33.77 7.20 -2.47
N LEU B 121 -33.75 5.87 -2.48
CA LEU B 121 -33.22 5.16 -3.64
C LEU B 121 -33.98 5.55 -4.91
N ALA B 122 -35.31 5.63 -4.84
CA ALA B 122 -36.06 6.10 -6.01
C ALA B 122 -35.62 7.51 -6.39
N LYS B 123 -35.42 8.33 -5.36
CA LYS B 123 -35.09 9.73 -5.57
C LYS B 123 -33.80 9.90 -6.37
N VAL B 124 -32.75 9.19 -5.97
CA VAL B 124 -31.48 9.32 -6.69
C VAL B 124 -31.40 8.30 -7.81
N GLY B 125 -32.50 7.62 -8.09
CA GLY B 125 -32.57 6.69 -9.22
C GLY B 125 -31.76 5.42 -9.05
N LEU B 126 -31.86 4.82 -7.86
CA LEU B 126 -31.11 3.61 -7.53
C LEU B 126 -31.97 2.48 -6.96
N LEU B 127 -33.26 2.46 -7.27
CA LEU B 127 -34.17 1.46 -6.71
C LEU B 127 -33.77 0.05 -7.15
N ASP B 128 -33.39 -0.08 -8.42
CA ASP B 128 -33.05 -1.39 -8.96
C ASP B 128 -31.72 -1.91 -8.43
N LYS B 129 -31.06 -1.14 -7.57
CA LYS B 129 -29.76 -1.52 -7.02
C LYS B 129 -29.83 -1.63 -5.51
N LYS B 130 -31.03 -1.62 -4.97
CA LYS B 130 -31.23 -1.50 -3.54
C LYS B 130 -30.45 -2.48 -2.67
N ASP B 131 -30.39 -3.71 -3.11
CA ASP B 131 -29.86 -4.75 -2.27
C ASP B 131 -28.38 -5.00 -2.52
N GLN B 132 -27.96 -4.76 -3.75
CA GLN B 132 -26.58 -4.95 -4.13
C GLN B 132 -25.60 -4.34 -3.17
N TYR B 133 -24.34 -4.67 -3.38
CA TYR B 133 -23.28 -4.12 -2.59
C TYR B 133 -22.56 -3.14 -3.45
N PRO B 134 -21.84 -2.16 -2.77
CA PRO B 134 -21.16 -1.21 -3.66
C PRO B 134 -20.34 -1.82 -4.77
N ILE B 135 -19.42 -2.68 -4.38
CA ILE B 135 -18.45 -3.18 -5.35
C ILE B 135 -19.10 -3.27 -6.74
N LYS B 136 -20.42 -3.49 -6.76
CA LYS B 136 -21.16 -3.69 -8.00
C LYS B 136 -21.68 -2.36 -8.54
N LEU B 137 -21.37 -1.27 -7.85
CA LEU B 137 -21.82 0.03 -8.30
C LEU B 137 -20.72 0.81 -9.04
N SER B 138 -21.12 1.51 -10.10
CA SER B 138 -20.25 2.45 -10.80
C SER B 138 -20.03 3.71 -9.95
N GLY B 139 -19.07 4.52 -10.35
CA GLY B 139 -18.72 5.72 -9.58
C GLY B 139 -19.90 6.62 -9.33
N GLY B 140 -20.66 6.91 -10.39
CA GLY B 140 -21.87 7.69 -10.27
C GLY B 140 -22.90 7.05 -9.33
N GLN B 141 -23.17 5.77 -9.53
CA GLN B 141 -24.11 5.06 -8.66
C GLN B 141 -23.62 5.16 -7.22
N LYS B 142 -22.32 5.07 -7.03
CA LYS B 142 -21.76 5.15 -5.67
C LYS B 142 -22.03 6.51 -5.04
N GLN B 143 -21.74 7.57 -5.76
CA GLN B 143 -21.89 8.88 -5.14
C GLN B 143 -23.35 9.23 -4.92
N ARG B 144 -24.21 8.81 -5.85
CA ARG B 144 -25.65 9.02 -5.67
C ARG B 144 -26.11 8.21 -4.42
N LEU B 145 -25.59 6.99 -4.26
CA LEU B 145 -25.89 6.20 -3.06
C LEU B 145 -25.43 6.89 -1.77
N ALA B 146 -24.20 7.40 -1.77
CA ALA B 146 -23.66 8.10 -0.62
C ALA B 146 -24.57 9.27 -0.28
N ILE B 147 -25.04 9.98 -1.29
CA ILE B 147 -25.94 11.11 -1.08
C ILE B 147 -27.26 10.63 -0.44
N ALA B 148 -27.85 9.54 -0.95
CA ALA B 148 -29.06 9.00 -0.36
C ALA B 148 -28.84 8.71 1.14
N ARG B 149 -27.76 7.99 1.43
CA ARG B 149 -27.39 7.67 2.79
C ARG B 149 -27.26 8.91 3.66
N ALA B 150 -26.69 9.98 3.12
CA ALA B 150 -26.52 11.18 3.93
C ALA B 150 -27.85 11.78 4.26
N LEU B 151 -28.71 11.82 3.23
CA LEU B 151 -30.04 12.42 3.33
C LEU B 151 -30.95 11.69 4.34
N ALA B 152 -30.82 10.36 4.43
CA ALA B 152 -31.69 9.60 5.34
C ALA B 152 -31.58 10.07 6.80
N MET B 153 -30.46 10.69 7.16
CA MET B 153 -30.32 11.27 8.49
C MET B 153 -30.88 12.69 8.55
N GLN B 154 -31.55 13.10 7.46
CA GLN B 154 -32.26 14.40 7.32
C GLN B 154 -31.58 15.59 7.96
N PRO B 155 -30.43 15.99 7.40
CA PRO B 155 -29.71 17.15 7.90
C PRO B 155 -30.33 18.46 7.42
N GLU B 156 -29.94 19.54 8.07
CA GLU B 156 -30.43 20.84 7.69
C GLU B 156 -29.45 21.53 6.77
N VAL B 157 -28.22 20.99 6.72
CA VAL B 157 -27.19 21.43 5.78
C VAL B 157 -26.37 20.22 5.31
N MET B 158 -25.95 20.22 4.04
CA MET B 158 -25.09 19.18 3.49
C MET B 158 -23.73 19.70 3.12
N LEU B 159 -22.66 19.06 3.58
CA LEU B 159 -21.34 19.46 3.16
C LEU B 159 -20.82 18.56 2.04
N PHE B 160 -20.31 19.20 0.99
CA PHE B 160 -19.80 18.48 -0.16
C PHE B 160 -18.31 18.75 -0.40
N ASP B 161 -17.49 17.72 -0.20
CA ASP B 161 -16.05 17.84 -0.38
C ASP B 161 -15.60 17.17 -1.68
N GLU B 162 -15.59 17.95 -2.75
CA GLU B 162 -15.19 17.54 -4.10
C GLU B 162 -15.81 16.24 -4.57
N PRO B 163 -17.15 16.17 -4.56
CA PRO B 163 -17.89 14.92 -4.74
C PRO B 163 -17.79 14.33 -6.13
N THR B 164 -17.22 15.09 -7.07
CA THR B 164 -17.16 14.67 -8.48
C THR B 164 -15.75 14.37 -8.98
N SER B 165 -14.73 14.77 -8.21
CA SER B 165 -13.34 14.69 -8.66
C SER B 165 -12.85 13.31 -8.99
N ALA B 166 -13.43 12.31 -8.35
CA ALA B 166 -12.99 10.94 -8.57
C ALA B 166 -13.94 10.19 -9.51
N LEU B 167 -14.67 10.95 -10.33
CA LEU B 167 -15.61 10.34 -11.27
C LEU B 167 -15.13 10.42 -12.70
N ASP B 168 -15.45 9.40 -13.47
CA ASP B 168 -15.19 9.45 -14.87
C ASP B 168 -16.03 10.57 -15.44
N PRO B 169 -15.50 11.27 -16.45
CA PRO B 169 -16.19 12.44 -16.96
C PRO B 169 -17.63 12.17 -17.38
N GLU B 170 -17.91 11.00 -17.96
CA GLU B 170 -19.26 10.60 -18.36
C GLU B 170 -20.21 10.40 -17.18
N MET B 171 -19.69 10.60 -15.98
CA MET B 171 -20.41 10.23 -14.79
C MET B 171 -20.64 11.44 -13.91
N VAL B 172 -19.95 12.52 -14.21
CA VAL B 172 -20.08 13.75 -13.41
C VAL B 172 -21.50 14.30 -13.40
N LYS B 173 -22.13 14.37 -14.57
CA LYS B 173 -23.46 14.97 -14.72
C LYS B 173 -24.46 14.38 -13.74
N GLU B 174 -24.59 13.07 -13.67
CA GLU B 174 -25.66 12.47 -12.88
C GLU B 174 -25.57 12.90 -11.40
N VAL B 175 -24.35 12.96 -10.90
CA VAL B 175 -24.14 13.34 -9.51
C VAL B 175 -24.45 14.82 -9.35
N LEU B 176 -23.96 15.62 -10.30
CA LEU B 176 -24.23 17.06 -10.24
C LEU B 176 -25.73 17.38 -10.30
N ASN B 177 -26.43 16.68 -11.17
CA ASN B 177 -27.86 16.81 -11.30
C ASN B 177 -28.56 16.53 -9.99
N VAL B 178 -28.21 15.42 -9.32
CA VAL B 178 -28.83 15.19 -8.01
C VAL B 178 -28.54 16.37 -7.08
N MET B 179 -27.29 16.81 -7.02
CA MET B 179 -26.97 17.95 -6.15
C MET B 179 -27.83 19.19 -6.47
N LYS B 180 -28.03 19.47 -7.77
CA LYS B 180 -28.79 20.64 -8.21
C LYS B 180 -30.23 20.50 -7.75
N GLN B 181 -30.76 19.30 -7.91
CA GLN B 181 -32.13 19.01 -7.50
C GLN B 181 -32.31 19.34 -6.03
N LEU B 182 -31.36 18.92 -5.20
CA LEU B 182 -31.41 19.32 -3.80
C LEU B 182 -31.36 20.84 -3.62
N ALA B 183 -30.52 21.52 -4.41
CA ALA B 183 -30.40 22.97 -4.31
C ALA B 183 -31.75 23.66 -4.58
N ASN B 184 -32.42 23.18 -5.63
CA ASN B 184 -33.72 23.67 -6.05
C ASN B 184 -34.78 23.42 -5.00
N GLU B 185 -34.51 22.50 -4.08
CA GLU B 185 -35.47 22.18 -3.05
C GLU B 185 -35.11 22.92 -1.79
N GLY B 186 -34.19 23.86 -1.90
CA GLY B 186 -33.93 24.75 -0.79
C GLY B 186 -32.99 24.24 0.27
N MET B 187 -32.34 23.11 0.03
CA MET B 187 -31.34 22.58 0.97
C MET B 187 -30.16 23.52 1.12
N THR B 188 -29.73 23.76 2.35
CA THR B 188 -28.53 24.55 2.56
C THR B 188 -27.36 23.66 2.25
N MET B 189 -26.40 24.18 1.47
CA MET B 189 -25.29 23.40 0.92
C MET B 189 -24.00 24.20 0.94
N VAL B 190 -22.90 23.57 1.37
CA VAL B 190 -21.59 24.14 1.15
C VAL B 190 -20.82 23.16 0.26
N VAL B 191 -20.42 23.62 -0.93
CA VAL B 191 -19.85 22.73 -1.94
C VAL B 191 -18.43 23.16 -2.32
N VAL B 192 -17.48 22.26 -2.17
CA VAL B 192 -16.12 22.48 -2.69
C VAL B 192 -15.99 21.74 -4.00
N THR B 193 -15.69 22.45 -5.09
CA THR B 193 -15.73 21.81 -6.41
C THR B 193 -14.80 22.40 -7.45
N HIS B 194 -14.58 21.60 -8.50
CA HIS B 194 -13.82 21.98 -9.69
C HIS B 194 -14.80 22.27 -10.80
N GLU B 195 -16.05 21.90 -10.57
CA GLU B 195 -17.08 22.00 -11.60
C GLU B 195 -17.80 23.35 -11.53
N MET B 196 -17.35 24.34 -12.31
CA MET B 196 -17.91 25.70 -12.24
C MET B 196 -19.34 25.76 -12.77
N GLY B 197 -19.73 24.75 -13.55
CA GLY B 197 -21.08 24.66 -14.08
C GLY B 197 -22.13 24.66 -13.00
N PHE B 198 -21.84 23.94 -11.93
CA PHE B 198 -22.73 23.81 -10.81
C PHE B 198 -22.95 25.17 -10.19
N ALA B 199 -21.87 25.91 -9.95
CA ALA B 199 -21.96 27.24 -9.34
C ALA B 199 -22.76 28.20 -10.24
N ARG B 200 -22.53 28.10 -11.54
CA ARG B 200 -23.30 28.88 -12.48
C ARG B 200 -24.76 28.56 -12.33
N GLU B 201 -25.08 27.28 -12.32
CA GLU B 201 -26.48 26.88 -12.40
C GLU B 201 -27.31 27.08 -11.15
N VAL B 202 -26.76 26.79 -9.97
CA VAL B 202 -27.58 26.83 -8.75
C VAL B 202 -26.87 27.48 -7.57
N GLY B 203 -25.63 27.90 -7.76
CA GLY B 203 -24.91 28.55 -6.66
C GLY B 203 -25.43 29.91 -6.29
N ASP B 204 -25.48 30.20 -5.01
CA ASP B 204 -25.90 31.54 -4.59
C ASP B 204 -24.69 32.40 -4.38
N ARG B 205 -23.59 31.77 -4.00
CA ARG B 205 -22.42 32.52 -3.63
C ARG B 205 -21.18 31.73 -3.99
N VAL B 206 -20.11 32.42 -4.36
CA VAL B 206 -18.85 31.75 -4.70
C VAL B 206 -17.71 32.31 -3.85
N ILE B 207 -16.96 31.41 -3.22
CA ILE B 207 -15.81 31.78 -2.40
C ILE B 207 -14.52 31.33 -3.10
N PHE B 208 -13.62 32.27 -3.38
CA PHE B 208 -12.33 31.92 -3.94
C PHE B 208 -11.28 31.96 -2.84
N MET B 209 -10.68 30.80 -2.61
CA MET B 209 -9.61 30.67 -1.63
C MET B 209 -8.27 30.44 -2.30
N ASP B 210 -7.25 31.07 -1.72
CA ASP B 210 -5.90 30.92 -2.19
C ASP B 210 -5.01 31.05 -0.99
N ASP B 211 -3.96 30.23 -0.96
CA ASP B 211 -2.99 30.23 0.14
C ASP B 211 -3.63 30.31 1.54
N GLY B 212 -4.63 29.47 1.78
CA GLY B 212 -5.25 29.37 3.09
C GLY B 212 -6.08 30.58 3.53
N VAL B 213 -6.51 31.38 2.56
CA VAL B 213 -7.27 32.58 2.88
C VAL B 213 -8.40 32.76 1.88
N ILE B 214 -9.53 33.30 2.33
CA ILE B 214 -10.56 33.74 1.39
C ILE B 214 -10.12 35.07 0.75
N VAL B 215 -9.82 35.07 -0.54
CA VAL B 215 -9.23 36.28 -1.12
C VAL B 215 -10.29 37.12 -1.81
N GLU B 216 -11.37 36.49 -2.26
CA GLU B 216 -12.46 37.23 -2.92
C GLU B 216 -13.76 36.42 -2.93
N GLU B 217 -14.91 37.09 -2.79
CA GLU B 217 -16.19 36.36 -2.88
C GLU B 217 -17.29 37.20 -3.46
N GLY B 218 -18.36 36.55 -3.90
CA GLY B 218 -19.46 37.26 -4.53
C GLY B 218 -20.43 36.30 -5.16
N THR B 219 -21.35 36.81 -5.97
CA THR B 219 -22.25 35.91 -6.66
C THR B 219 -21.49 35.23 -7.77
N PRO B 220 -22.03 34.14 -8.30
CA PRO B 220 -21.30 33.44 -9.37
C PRO B 220 -20.93 34.35 -10.55
N GLU B 221 -21.86 35.13 -11.10
CA GLU B 221 -21.53 35.98 -12.24
C GLU B 221 -20.55 37.11 -11.87
N GLU B 222 -20.65 37.64 -10.66
CA GLU B 222 -19.68 38.63 -10.17
C GLU B 222 -18.26 38.08 -10.26
N ILE B 223 -18.06 36.88 -9.71
CA ILE B 223 -16.74 36.22 -9.72
C ILE B 223 -16.31 35.75 -11.13
N PHE B 224 -17.23 35.18 -11.91
CA PHE B 224 -16.83 34.58 -13.17
C PHE B 224 -16.62 35.59 -14.30
N TYR B 225 -17.14 36.80 -14.15
CA TYR B 225 -17.08 37.81 -15.22
C TYR B 225 -16.45 39.13 -14.81
N ARG B 226 -16.48 39.43 -13.52
CA ARG B 226 -16.08 40.75 -13.04
C ARG B 226 -15.19 40.63 -11.80
N ALA B 227 -14.38 39.58 -11.76
CA ALA B 227 -13.52 39.33 -10.62
C ALA B 227 -12.58 40.50 -10.38
N LYS B 228 -12.60 41.06 -9.17
CA LYS B 228 -11.80 42.24 -8.88
C LYS B 228 -10.31 41.95 -8.66
N ASN B 229 -10.01 40.91 -7.88
CA ASN B 229 -8.64 40.67 -7.44
C ASN B 229 -7.79 39.90 -8.44
N GLU B 230 -6.51 40.22 -8.49
CA GLU B 230 -5.61 39.67 -9.48
C GLU B 230 -5.44 38.15 -9.34
N ARG B 231 -5.34 37.66 -8.10
CA ARG B 231 -5.18 36.23 -7.89
C ARG B 231 -6.38 35.47 -8.47
N THR B 232 -7.56 36.02 -8.25
CA THR B 232 -8.80 35.43 -8.74
C THR B 232 -8.77 35.33 -10.26
N ARG B 233 -8.41 36.42 -10.90
CA ARG B 233 -8.25 36.45 -12.35
C ARG B 233 -7.23 35.41 -12.84
N GLU B 234 -6.13 35.25 -12.11
CA GLU B 234 -5.12 34.28 -12.50
C GLU B 234 -5.69 32.87 -12.48
N PHE B 235 -6.26 32.51 -11.33
CA PHE B 235 -6.84 31.20 -11.17
C PHE B 235 -7.86 30.90 -12.26
N LEU B 236 -8.79 31.83 -12.42
CA LEU B 236 -9.88 31.68 -13.38
C LEU B 236 -9.39 31.55 -14.80
N SER B 237 -8.36 32.31 -15.13
CA SER B 237 -7.82 32.27 -16.48
C SER B 237 -7.26 30.89 -16.75
N LYS B 238 -6.63 30.28 -15.75
CA LYS B 238 -6.18 28.91 -15.95
C LYS B 238 -7.31 27.86 -15.98
N ILE B 239 -8.40 28.15 -15.28
CA ILE B 239 -9.49 27.20 -15.01
C ILE B 239 -10.70 27.21 -15.97
N LEU B 240 -11.07 28.39 -16.45
CA LEU B 240 -12.28 28.58 -17.26
C LEU B 240 -12.04 28.28 -18.73
N MET C 1 28.13 -43.85 9.77
CA MET C 1 28.48 -44.83 8.75
C MET C 1 28.28 -44.21 7.36
N THR C 2 27.24 -44.64 6.64
CA THR C 2 26.75 -43.93 5.45
C THR C 2 25.24 -43.80 5.51
N VAL C 3 24.68 -43.01 4.59
CA VAL C 3 23.24 -42.70 4.63
C VAL C 3 22.42 -43.98 4.49
N ASP C 4 21.41 -44.14 5.33
CA ASP C 4 20.55 -45.30 5.24
C ASP C 4 19.17 -44.93 5.79
N PHE C 5 18.28 -44.50 4.90
CA PHE C 5 16.95 -44.04 5.31
C PHE C 5 16.03 -45.21 5.55
N LEU C 6 16.35 -46.33 4.93
CA LEU C 6 15.47 -47.49 4.99
C LEU C 6 15.41 -47.97 6.43
N SER C 7 16.54 -47.86 7.13
CA SER C 7 16.64 -48.20 8.54
C SER C 7 15.69 -47.38 9.41
N MET C 8 15.33 -46.20 8.92
CA MET C 8 14.50 -45.26 9.68
C MET C 8 13.00 -45.60 9.69
N VAL C 9 12.58 -46.37 8.70
CA VAL C 9 11.16 -46.71 8.48
C VAL C 9 10.45 -47.20 9.72
N LYS C 10 11.06 -48.16 10.41
CA LYS C 10 10.43 -48.81 11.56
C LYS C 10 10.13 -47.82 12.68
N TYR C 11 10.72 -46.64 12.59
CA TYR C 11 10.54 -45.62 13.63
C TYR C 11 9.36 -44.68 13.31
N THR C 12 8.65 -45.00 12.23
CA THR C 12 7.45 -44.26 11.84
C THR C 12 6.53 -43.92 13.03
N PRO C 13 6.24 -44.89 13.94
CA PRO C 13 5.38 -44.52 15.06
C PRO C 13 5.96 -43.41 15.93
N LEU C 14 7.29 -43.28 15.94
CA LEU C 14 7.94 -42.25 16.73
C LEU C 14 7.72 -40.88 16.10
N PHE C 15 7.94 -40.81 14.79
CA PHE C 15 7.69 -39.58 14.04
C PHE C 15 6.22 -39.17 14.14
N ILE C 16 5.32 -40.10 13.82
CA ILE C 16 3.88 -39.88 13.94
C ILE C 16 3.56 -39.39 15.33
N SER C 17 4.18 -39.98 16.34
CA SER C 17 3.95 -39.53 17.72
C SER C 17 4.55 -38.15 17.97
N GLY C 18 5.71 -37.89 17.38
CA GLY C 18 6.33 -36.58 17.49
C GLY C 18 5.47 -35.53 16.82
N LEU C 19 5.05 -35.81 15.58
CA LEU C 19 4.16 -34.95 14.79
C LEU C 19 2.89 -34.56 15.56
N ILE C 20 2.16 -35.57 16.06
CA ILE C 20 0.97 -35.34 16.87
C ILE C 20 1.30 -34.47 18.07
N MET C 21 2.51 -34.60 18.59
CA MET C 21 2.85 -33.84 19.79
C MET C 21 3.13 -32.37 19.43
N THR C 22 3.77 -32.12 18.28
CA THR C 22 4.00 -30.75 17.82
C THR C 22 2.67 -30.04 17.58
N LEU C 23 1.72 -30.75 16.96
CA LEU C 23 0.37 -30.23 16.73
C LEU C 23 -0.33 -29.80 18.03
N LYS C 24 -0.41 -30.72 18.99
CA LYS C 24 -1.07 -30.47 20.28
C LYS C 24 -0.47 -29.29 21.01
N LEU C 25 0.86 -29.18 20.97
CA LEU C 25 1.53 -28.05 21.60
C LEU C 25 1.08 -26.73 20.98
N THR C 26 1.23 -26.63 19.66
CA THR C 26 1.02 -25.39 18.91
C THR C 26 -0.43 -24.88 18.98
N PHE C 27 -1.40 -25.76 18.71
CA PHE C 27 -2.81 -25.42 18.81
C PHE C 27 -3.16 -24.77 20.13
N LEU C 28 -2.93 -25.50 21.22
CA LEU C 28 -3.24 -24.96 22.53
C LEU C 28 -2.45 -23.69 22.85
N ALA C 29 -1.23 -23.62 22.35
CA ALA C 29 -0.36 -22.48 22.63
C ALA C 29 -0.93 -21.22 22.00
N VAL C 30 -1.25 -21.32 20.71
CA VAL C 30 -1.87 -20.20 20.00
C VAL C 30 -3.20 -19.84 20.66
N THR C 31 -4.06 -20.84 20.83
CA THR C 31 -5.39 -20.62 21.39
C THR C 31 -5.38 -19.76 22.66
N ILE C 32 -4.43 -20.01 23.54
CA ILE C 32 -4.29 -19.17 24.71
C ILE C 32 -3.72 -17.81 24.31
N GLY C 33 -2.69 -17.83 23.46
CA GLY C 33 -2.02 -16.60 23.11
C GLY C 33 -2.89 -15.62 22.36
N VAL C 34 -3.83 -16.15 21.59
CA VAL C 34 -4.75 -15.32 20.82
C VAL C 34 -5.67 -14.58 21.77
N LEU C 35 -6.31 -15.34 22.65
CA LEU C 35 -7.16 -14.77 23.67
C LEU C 35 -6.37 -13.80 24.52
N MET C 36 -5.16 -14.19 24.91
CA MET C 36 -4.31 -13.28 25.65
C MET C 36 -4.07 -12.02 24.84
N GLY C 37 -3.72 -12.20 23.57
CA GLY C 37 -3.37 -11.11 22.68
C GLY C 37 -4.51 -10.13 22.50
N LEU C 38 -5.70 -10.69 22.31
CA LEU C 38 -6.93 -9.92 22.21
C LEU C 38 -7.05 -8.99 23.41
N PHE C 39 -6.82 -9.55 24.58
CA PHE C 39 -6.89 -8.83 25.83
C PHE C 39 -5.84 -7.75 25.93
N ILE C 40 -4.63 -8.08 25.52
CA ILE C 40 -3.51 -7.14 25.53
C ILE C 40 -3.84 -5.96 24.62
N ALA C 41 -4.51 -6.26 23.50
CA ALA C 41 -4.91 -5.23 22.55
C ALA C 41 -5.85 -4.24 23.22
N LEU C 42 -6.90 -4.77 23.85
CA LEU C 42 -7.90 -3.98 24.57
C LEU C 42 -7.29 -3.01 25.58
N MET C 43 -6.23 -3.45 26.24
CA MET C 43 -5.54 -2.61 27.20
C MET C 43 -4.87 -1.41 26.53
N LYS C 44 -4.33 -1.64 25.34
CA LYS C 44 -3.58 -0.61 24.62
C LYS C 44 -4.52 0.45 24.03
N MET C 45 -5.80 0.11 23.96
CA MET C 45 -6.83 1.02 23.45
C MET C 45 -7.45 1.86 24.57
N SER C 46 -7.20 1.46 25.82
CA SER C 46 -7.77 2.13 26.98
C SER C 46 -7.26 3.56 27.05
N SER C 47 -8.12 4.46 27.53
CA SER C 47 -7.77 5.87 27.69
C SER C 47 -6.84 6.04 28.90
N ILE C 48 -6.93 5.09 29.83
CA ILE C 48 -6.17 5.05 31.07
C ILE C 48 -4.67 4.86 30.87
N LYS C 49 -3.91 5.95 31.01
CA LYS C 49 -2.47 6.01 30.72
C LYS C 49 -1.59 4.87 31.29
N PRO C 50 -1.73 4.54 32.60
CA PRO C 50 -0.90 3.46 33.13
C PRO C 50 -1.08 2.13 32.38
N ILE C 51 -2.33 1.76 32.13
CA ILE C 51 -2.63 0.49 31.45
C ILE C 51 -2.03 0.48 30.04
N LYS C 52 -2.20 1.57 29.29
CA LYS C 52 -1.64 1.67 27.95
C LYS C 52 -0.12 1.52 28.01
N LEU C 53 0.50 2.14 29.01
CA LEU C 53 1.95 2.02 29.20
C LEU C 53 2.34 0.57 29.47
N VAL C 54 1.54 -0.13 30.27
CA VAL C 54 1.81 -1.53 30.60
C VAL C 54 1.71 -2.46 29.39
N ALA C 55 0.64 -2.32 28.61
CA ALA C 55 0.46 -3.18 27.44
C ALA C 55 1.58 -2.89 26.44
N SER C 56 1.93 -1.61 26.31
CA SER C 56 3.02 -1.22 25.42
C SER C 56 4.34 -1.86 25.87
N SER C 57 4.60 -1.85 27.17
CA SER C 57 5.82 -2.43 27.72
C SER C 57 5.87 -3.94 27.53
N TYR C 58 4.76 -4.61 27.81
CA TYR C 58 4.60 -6.04 27.57
C TYR C 58 4.99 -6.38 26.13
N ILE C 59 4.23 -5.83 25.19
CA ILE C 59 4.44 -6.08 23.76
C ILE C 59 5.86 -5.78 23.32
N GLU C 60 6.35 -4.61 23.72
CA GLU C 60 7.68 -4.13 23.36
C GLU C 60 8.78 -5.08 23.82
N VAL C 61 8.67 -5.51 25.08
CA VAL C 61 9.63 -6.39 25.75
C VAL C 61 9.62 -7.81 25.19
N ILE C 62 8.45 -8.39 25.03
CA ILE C 62 8.33 -9.74 24.47
C ILE C 62 8.77 -9.80 23.01
N ARG C 63 8.40 -8.81 22.22
CA ARG C 63 8.79 -8.86 20.82
C ARG C 63 10.28 -8.59 20.67
N GLY C 64 10.84 -7.83 21.60
CA GLY C 64 12.22 -7.41 21.48
C GLY C 64 13.19 -8.36 22.15
N THR C 65 12.71 -9.57 22.47
CA THR C 65 13.44 -10.53 23.27
C THR C 65 13.24 -11.98 22.79
N PRO C 66 14.30 -12.82 22.82
CA PRO C 66 14.30 -14.16 22.19
C PRO C 66 13.28 -15.14 22.78
N LEU C 67 12.75 -16.04 21.96
CA LEU C 67 11.80 -17.04 22.45
C LEU C 67 12.48 -17.93 23.48
N LEU C 68 13.71 -18.37 23.16
CA LEU C 68 14.47 -19.25 24.04
C LEU C 68 14.53 -18.69 25.44
N VAL C 69 15.08 -17.47 25.56
CA VAL C 69 15.25 -16.86 26.88
C VAL C 69 13.93 -16.81 27.65
N GLN C 70 12.80 -16.66 26.96
CA GLN C 70 11.50 -16.69 27.65
C GLN C 70 11.17 -18.10 28.13
N LEU C 71 11.45 -19.09 27.28
CA LEU C 71 11.23 -20.50 27.61
C LEU C 71 11.97 -20.85 28.91
N LEU C 72 13.29 -20.69 28.85
CA LEU C 72 14.17 -21.01 29.96
C LEU C 72 13.81 -20.17 31.19
N LEU C 73 13.41 -18.92 30.98
CA LEU C 73 12.97 -18.09 32.09
C LEU C 73 11.77 -18.73 32.79
N ILE C 74 10.88 -19.36 32.04
CA ILE C 74 9.77 -20.04 32.69
C ILE C 74 10.20 -21.34 33.37
N TYR C 75 10.95 -22.16 32.64
CA TYR C 75 11.35 -23.51 33.07
C TYR C 75 12.40 -23.50 34.17
N ASN C 76 13.61 -23.08 33.80
CA ASN C 76 14.71 -23.03 34.73
C ASN C 76 14.53 -21.97 35.81
N GLY C 77 14.17 -20.77 35.39
CA GLY C 77 14.11 -19.66 36.31
C GLY C 77 13.14 -19.86 37.46
N LEU C 78 12.18 -20.77 37.31
CA LEU C 78 11.18 -20.92 38.38
C LEU C 78 11.52 -21.99 39.39
N MET C 79 12.46 -22.85 39.05
CA MET C 79 12.89 -23.94 39.91
C MET C 79 13.27 -23.45 41.29
N GLN C 80 14.11 -22.43 41.32
CA GLN C 80 14.61 -21.89 42.58
C GLN C 80 13.52 -21.34 43.49
N PHE C 81 12.28 -21.34 43.01
CA PHE C 81 11.15 -20.94 43.84
C PHE C 81 10.32 -22.14 44.26
N GLY C 82 10.90 -23.32 44.13
CA GLY C 82 10.21 -24.56 44.46
C GLY C 82 9.14 -24.84 43.43
N MET C 83 9.41 -24.45 42.19
CA MET C 83 8.45 -24.65 41.12
C MET C 83 9.00 -25.67 40.15
N ASN C 84 8.16 -26.65 39.85
CA ASN C 84 8.54 -27.69 38.92
C ASN C 84 7.46 -27.88 37.87
N ILE C 85 7.29 -26.86 37.03
CA ILE C 85 6.35 -26.93 35.93
C ILE C 85 6.92 -27.87 34.88
N PRO C 86 6.08 -28.79 34.38
CA PRO C 86 6.44 -29.78 33.36
C PRO C 86 7.02 -29.13 32.11
N ALA C 87 7.55 -29.92 31.18
CA ALA C 87 8.06 -29.35 29.94
C ALA C 87 6.92 -28.72 29.14
N PHE C 88 5.78 -29.40 29.18
CA PHE C 88 4.59 -29.04 28.42
C PHE C 88 4.05 -27.69 28.83
N THR C 89 3.68 -27.56 30.10
CA THR C 89 3.10 -26.31 30.56
C THR C 89 4.09 -25.17 30.35
N ALA C 90 5.40 -25.46 30.44
CA ALA C 90 6.41 -24.44 30.18
C ALA C 90 6.40 -23.96 28.73
N GLY C 91 6.41 -24.90 27.79
CA GLY C 91 6.38 -24.58 26.36
C GLY C 91 5.13 -23.81 25.98
N VAL C 92 3.97 -24.38 26.30
CA VAL C 92 2.70 -23.68 26.06
C VAL C 92 2.74 -22.29 26.65
N SER C 93 3.17 -22.12 27.89
CA SER C 93 3.20 -20.78 28.50
C SER C 93 4.03 -19.82 27.67
N ALA C 94 5.23 -20.27 27.31
CA ALA C 94 6.15 -19.41 26.59
C ALA C 94 5.54 -18.98 25.24
N LEU C 95 5.05 -19.98 24.48
CA LEU C 95 4.46 -19.73 23.19
C LEU C 95 3.22 -18.85 23.27
N ALA C 96 2.33 -19.14 24.20
CA ALA C 96 1.13 -18.33 24.36
C ALA C 96 1.52 -16.90 24.68
N ILE C 97 2.62 -16.68 25.38
CA ILE C 97 3.05 -15.31 25.67
C ILE C 97 3.62 -14.60 24.42
N ASN C 98 4.59 -15.23 23.77
CA ASN C 98 5.21 -14.72 22.54
C ASN C 98 4.11 -14.38 21.49
N SER C 99 3.28 -15.39 21.23
CA SER C 99 2.13 -15.27 20.38
C SER C 99 1.16 -14.22 20.86
N SER C 100 1.03 -14.04 22.18
CA SER C 100 0.09 -13.02 22.64
C SER C 100 0.56 -11.65 22.15
N ALA C 101 1.85 -11.35 22.28
CA ALA C 101 2.35 -10.07 21.79
C ALA C 101 2.13 -9.90 20.28
N TYR C 102 2.59 -10.89 19.51
CA TYR C 102 2.44 -10.75 18.07
C TYR C 102 0.96 -10.68 17.61
N VAL C 103 0.07 -11.40 18.30
CA VAL C 103 -1.37 -11.37 18.00
C VAL C 103 -2.02 -10.02 18.32
N ALA C 104 -1.68 -9.47 19.49
CA ALA C 104 -2.14 -8.13 19.86
C ALA C 104 -1.76 -7.10 18.77
N GLU C 105 -0.50 -7.15 18.33
CA GLU C 105 -0.07 -6.26 17.26
C GLU C 105 -0.79 -6.51 15.92
N ILE C 106 -1.03 -7.77 15.60
CA ILE C 106 -1.80 -8.10 14.40
C ILE C 106 -3.18 -7.42 14.46
N ILE C 107 -3.80 -7.47 15.62
CA ILE C 107 -5.11 -6.83 15.79
C ILE C 107 -5.06 -5.31 15.58
N ARG C 108 -4.16 -4.64 16.30
CA ARG C 108 -4.03 -3.18 16.15
C ARG C 108 -3.80 -2.79 14.69
N ALA C 109 -2.96 -3.55 14.01
CA ALA C 109 -2.60 -3.20 12.64
C ALA C 109 -3.74 -3.53 11.69
N GLY C 110 -4.56 -4.52 12.06
CA GLY C 110 -5.67 -4.94 11.22
C GLY C 110 -6.74 -3.88 11.26
N ILE C 111 -6.84 -3.23 12.41
CA ILE C 111 -7.77 -2.12 12.58
C ILE C 111 -7.27 -0.87 11.85
N GLN C 112 -6.02 -0.51 12.09
CA GLN C 112 -5.50 0.71 11.48
C GLN C 112 -5.45 0.60 9.95
N ALA C 113 -5.67 -0.61 9.46
CA ALA C 113 -5.55 -0.89 8.03
C ALA C 113 -6.86 -0.63 7.32
N VAL C 114 -7.94 -0.54 8.09
CA VAL C 114 -9.23 -0.15 7.55
C VAL C 114 -9.19 1.35 7.24
N ASP C 115 -9.61 1.71 6.02
CA ASP C 115 -9.56 3.09 5.52
C ASP C 115 -10.23 4.02 6.50
N PRO C 116 -9.50 5.09 6.92
CA PRO C 116 -9.96 6.08 7.90
C PRO C 116 -11.24 6.79 7.43
N GLY C 117 -11.46 6.74 6.12
CA GLY C 117 -12.65 7.28 5.51
C GLY C 117 -13.89 6.61 6.05
N GLN C 118 -13.81 5.32 6.36
CA GLN C 118 -14.94 4.58 6.91
C GLN C 118 -15.39 5.20 8.23
N ASN C 119 -14.40 5.49 9.08
CA ASN C 119 -14.68 6.10 10.36
C ASN C 119 -15.27 7.48 10.13
N GLU C 120 -14.70 8.20 9.17
CA GLU C 120 -15.22 9.54 8.84
C GLU C 120 -16.68 9.52 8.42
N ALA C 121 -17.03 8.59 7.54
CA ALA C 121 -18.39 8.45 7.05
C ALA C 121 -19.33 8.16 8.20
N ALA C 122 -18.91 7.18 9.01
CA ALA C 122 -19.69 6.72 10.17
C ALA C 122 -19.94 7.81 11.20
N ARG C 123 -18.90 8.53 11.58
CA ARG C 123 -19.04 9.62 12.56
C ARG C 123 -19.90 10.71 11.98
N SER C 124 -19.69 10.99 10.69
CA SER C 124 -20.41 12.08 10.05
C SER C 124 -21.90 11.77 9.90
N LEU C 125 -22.25 10.49 9.93
CA LEU C 125 -23.64 10.07 9.96
C LEU C 125 -24.21 10.01 11.39
N GLY C 126 -23.51 10.61 12.35
CA GLY C 126 -24.04 10.73 13.70
C GLY C 126 -23.69 9.63 14.70
N MET C 127 -23.05 8.58 14.21
CA MET C 127 -22.59 7.46 15.05
C MET C 127 -21.42 7.82 15.98
N THR C 128 -21.50 7.34 17.22
CA THR C 128 -20.41 7.42 18.20
C THR C 128 -19.34 6.35 17.96
N HIS C 129 -18.12 6.58 18.46
CA HIS C 129 -17.00 5.67 18.23
C HIS C 129 -17.41 4.23 18.47
N ALA C 130 -18.17 4.00 19.55
CA ALA C 130 -18.67 2.68 19.90
C ALA C 130 -19.44 2.04 18.75
N MET C 131 -20.43 2.77 18.24
CA MET C 131 -21.29 2.29 17.17
C MET C 131 -20.52 2.12 15.88
N ALA C 132 -19.61 3.06 15.63
CA ALA C 132 -18.82 3.05 14.41
C ALA C 132 -18.01 1.79 14.42
N MET C 133 -17.52 1.49 15.61
CA MET C 133 -16.68 0.33 15.85
C MET C 133 -17.44 -0.96 15.67
N ARG C 134 -18.63 -1.03 16.26
CA ARG C 134 -19.38 -2.27 16.17
C ARG C 134 -19.88 -2.54 14.75
N TYR C 135 -20.54 -1.54 14.14
CA TYR C 135 -21.31 -1.81 12.93
C TYR C 135 -20.50 -1.58 11.66
N VAL C 136 -19.38 -0.86 11.76
CA VAL C 136 -18.64 -0.52 10.55
C VAL C 136 -17.19 -1.03 10.49
N ILE C 137 -16.36 -0.64 11.47
CA ILE C 137 -14.92 -0.89 11.34
C ILE C 137 -14.50 -2.34 11.63
N ILE C 138 -14.93 -2.86 12.77
CA ILE C 138 -14.50 -4.20 13.21
C ILE C 138 -14.84 -5.33 12.22
N PRO C 139 -16.05 -5.33 11.64
CA PRO C 139 -16.31 -6.39 10.64
C PRO C 139 -15.32 -6.41 9.47
N GLN C 140 -14.60 -5.32 9.26
CA GLN C 140 -13.60 -5.24 8.20
C GLN C 140 -12.19 -5.55 8.72
N ALA C 141 -11.90 -5.06 9.93
CA ALA C 141 -10.64 -5.40 10.59
C ALA C 141 -10.53 -6.91 10.67
N ILE C 142 -11.62 -7.59 11.02
CA ILE C 142 -11.64 -9.05 11.12
C ILE C 142 -11.09 -9.71 9.86
N LYS C 143 -11.54 -9.27 8.70
CA LYS C 143 -11.07 -9.81 7.44
C LYS C 143 -9.62 -9.42 7.22
N ASN C 144 -9.16 -8.37 7.89
CA ASN C 144 -7.72 -8.12 7.89
C ASN C 144 -6.94 -9.06 8.81
N ILE C 145 -7.59 -9.48 9.89
CA ILE C 145 -6.94 -10.14 11.01
C ILE C 145 -6.84 -11.65 10.90
N LEU C 146 -7.97 -12.30 10.62
CA LEU C 146 -7.97 -13.76 10.44
C LEU C 146 -6.86 -14.27 9.51
N PRO C 147 -6.57 -13.55 8.43
CA PRO C 147 -5.44 -14.08 7.66
C PRO C 147 -4.08 -13.94 8.36
N ALA C 148 -3.92 -12.97 9.25
CA ALA C 148 -2.61 -12.77 9.85
C ALA C 148 -2.48 -13.64 11.09
N LEU C 149 -3.61 -13.93 11.72
CA LEU C 149 -3.65 -14.87 12.83
C LEU C 149 -3.34 -16.25 12.29
N GLY C 150 -4.04 -16.62 11.22
CA GLY C 150 -3.84 -17.89 10.56
C GLY C 150 -2.38 -18.04 10.19
N ASN C 151 -1.73 -16.94 9.81
CA ASN C 151 -0.32 -17.02 9.50
C ASN C 151 0.55 -17.17 10.74
N GLU C 152 0.10 -16.56 11.85
CA GLU C 152 0.90 -16.61 13.08
C GLU C 152 1.09 -18.05 13.51
N PHE C 153 0.01 -18.83 13.44
CA PHE C 153 0.03 -20.27 13.70
C PHE C 153 1.13 -21.00 12.92
N ILE C 154 1.23 -20.75 11.63
CA ILE C 154 2.25 -21.40 10.83
C ILE C 154 3.64 -21.09 11.39
N VAL C 155 3.83 -19.85 11.87
CA VAL C 155 5.09 -19.50 12.50
C VAL C 155 5.27 -20.24 13.83
N MET C 156 4.18 -20.41 14.57
CA MET C 156 4.24 -21.04 15.86
C MET C 156 4.61 -22.52 15.72
N LEU C 157 4.26 -23.13 14.58
CA LEU C 157 4.67 -24.52 14.32
C LEU C 157 6.17 -24.65 14.25
N LYS C 158 6.78 -23.82 13.43
CA LYS C 158 8.22 -23.84 13.31
C LYS C 158 8.87 -23.50 14.66
N GLU C 159 8.36 -22.47 15.31
CA GLU C 159 8.97 -22.01 16.56
C GLU C 159 8.93 -23.10 17.65
N SER C 160 7.86 -23.89 17.69
CA SER C 160 7.63 -24.83 18.78
C SER C 160 8.68 -25.95 18.87
N ALA C 161 9.40 -26.18 17.77
CA ALA C 161 10.50 -27.16 17.77
C ALA C 161 11.57 -26.82 18.80
N ILE C 162 11.45 -25.65 19.43
CA ILE C 162 12.45 -25.20 20.40
C ILE C 162 12.21 -25.82 21.77
N VAL C 163 11.08 -26.51 21.94
CA VAL C 163 10.81 -27.16 23.22
C VAL C 163 11.54 -28.49 23.33
N SER C 164 12.24 -28.89 22.28
CA SER C 164 13.01 -30.11 22.37
C SER C 164 14.12 -29.89 23.39
N VAL C 165 14.77 -28.73 23.34
CA VAL C 165 15.92 -28.48 24.21
C VAL C 165 15.56 -28.50 25.70
N ILE C 166 14.26 -28.47 25.99
CA ILE C 166 13.75 -28.46 27.34
C ILE C 166 13.40 -29.91 27.71
N GLY C 167 13.53 -30.79 26.72
CA GLY C 167 13.24 -32.19 26.91
C GLY C 167 11.80 -32.60 26.68
N PHE C 168 11.06 -31.80 25.90
CA PHE C 168 9.69 -32.17 25.53
C PHE C 168 9.74 -33.07 24.29
N ALA C 169 8.89 -34.09 24.27
CA ALA C 169 8.99 -35.12 23.24
C ALA C 169 8.33 -34.74 21.92
N ASP C 170 8.70 -33.57 21.39
CA ASP C 170 8.08 -33.06 20.17
C ASP C 170 8.62 -33.80 18.96
N LEU C 171 8.32 -33.29 17.77
CA LEU C 171 8.73 -33.95 16.55
C LEU C 171 10.26 -33.90 16.41
N THR C 172 10.88 -32.86 16.98
CA THR C 172 12.33 -32.68 16.84
C THR C 172 13.06 -33.56 17.84
N ARG C 173 12.45 -33.75 19.01
CA ARG C 173 13.04 -34.55 20.07
C ARG C 173 13.31 -35.95 19.57
N GLN C 174 12.46 -36.45 18.68
CA GLN C 174 12.59 -37.80 18.15
C GLN C 174 14.02 -38.10 17.66
N ALA C 175 14.66 -37.15 17.00
CA ALA C 175 15.98 -37.38 16.46
C ALA C 175 17.01 -37.76 17.54
N ASP C 176 16.86 -37.23 18.73
CA ASP C 176 17.70 -37.69 19.83
C ASP C 176 17.38 -39.16 20.09
N ILE C 177 16.12 -39.42 20.44
CA ILE C 177 15.64 -40.76 20.75
C ILE C 177 16.14 -41.79 19.73
N ILE C 178 15.77 -41.60 18.47
CA ILE C 178 16.17 -42.54 17.42
C ILE C 178 17.67 -42.78 17.44
N GLN C 179 18.47 -41.71 17.53
CA GLN C 179 19.91 -41.87 17.40
C GLN C 179 20.49 -42.69 18.56
N SER C 180 19.83 -42.61 19.72
CA SER C 180 20.31 -43.33 20.89
C SER C 180 20.35 -44.84 20.62
N VAL C 181 19.57 -45.26 19.62
CA VAL C 181 19.45 -46.66 19.25
C VAL C 181 19.98 -46.88 17.84
N THR C 182 20.41 -45.82 17.16
CA THR C 182 20.86 -46.02 15.79
C THR C 182 22.22 -45.37 15.55
N TYR C 183 22.57 -44.42 16.43
CA TYR C 183 23.79 -43.61 16.29
C TYR C 183 23.75 -42.75 15.03
N ARG C 184 22.55 -42.62 14.44
CA ARG C 184 22.31 -41.78 13.25
C ARG C 184 21.51 -40.52 13.60
N TYR C 185 22.08 -39.38 13.23
CA TYR C 185 21.44 -38.08 13.42
C TYR C 185 20.89 -37.51 12.11
N PHE C 186 21.70 -37.58 11.06
CA PHE C 186 21.38 -37.11 9.72
C PHE C 186 20.02 -37.55 9.22
N GLU C 187 19.87 -38.83 8.94
CA GLU C 187 18.63 -39.34 8.34
C GLU C 187 17.36 -39.00 9.14
N PRO C 188 17.37 -39.17 10.47
CA PRO C 188 16.11 -38.79 11.13
C PRO C 188 15.82 -37.28 11.08
N TYR C 189 16.87 -36.45 11.02
CA TYR C 189 16.67 -35.02 10.92
C TYR C 189 16.13 -34.65 9.55
N ILE C 190 16.74 -35.19 8.48
CA ILE C 190 16.19 -35.00 7.15
C ILE C 190 14.71 -35.39 7.15
N ILE C 191 14.38 -36.55 7.73
CA ILE C 191 12.96 -36.92 7.80
C ILE C 191 12.10 -35.87 8.54
N ILE C 192 12.60 -35.42 9.70
CA ILE C 192 11.85 -34.47 10.53
C ILE C 192 11.63 -33.12 9.81
N ALA C 193 12.71 -32.58 9.25
CA ALA C 193 12.65 -31.37 8.47
C ALA C 193 11.62 -31.56 7.34
N ALA C 194 11.68 -32.68 6.63
CA ALA C 194 10.68 -32.94 5.60
C ALA C 194 9.26 -32.84 6.18
N ILE C 195 9.03 -33.41 7.36
CA ILE C 195 7.68 -33.33 7.95
C ILE C 195 7.25 -31.87 8.26
N TYR C 196 8.16 -31.07 8.80
CA TYR C 196 7.86 -29.65 9.06
C TYR C 196 7.55 -28.93 7.74
N PHE C 197 8.29 -29.28 6.69
CA PHE C 197 8.09 -28.67 5.37
C PHE C 197 6.70 -28.98 4.85
N VAL C 198 6.36 -30.27 4.81
CA VAL C 198 5.05 -30.71 4.35
C VAL C 198 3.91 -30.08 5.16
N MET C 199 4.12 -29.98 6.47
CA MET C 199 3.11 -29.35 7.33
C MET C 199 2.92 -27.88 6.97
N THR C 200 4.04 -27.19 6.80
CA THR C 200 4.02 -25.78 6.46
C THR C 200 3.32 -25.55 5.13
N LEU C 201 3.67 -26.34 4.11
CA LEU C 201 3.03 -26.23 2.82
C LEU C 201 1.53 -26.44 2.94
N THR C 202 1.14 -27.53 3.57
CA THR C 202 -0.26 -27.83 3.75
C THR C 202 -1.02 -26.63 4.34
N PHE C 203 -0.58 -26.19 5.50
CA PHE C 203 -1.26 -25.11 6.20
C PHE C 203 -1.24 -23.76 5.45
N SER C 204 -0.17 -23.49 4.71
CA SER C 204 -0.10 -22.26 3.91
C SER C 204 -1.18 -22.29 2.82
N LYS C 205 -1.28 -23.45 2.17
CA LYS C 205 -2.28 -23.68 1.15
C LYS C 205 -3.67 -23.40 1.71
N LEU C 206 -4.06 -24.13 2.76
CA LEU C 206 -5.40 -23.88 3.32
C LEU C 206 -5.64 -22.44 3.75
N LEU C 207 -4.60 -21.81 4.28
CA LEU C 207 -4.71 -20.44 4.75
C LEU C 207 -5.02 -19.47 3.63
N SER C 208 -4.25 -19.52 2.53
CA SER C 208 -4.47 -18.58 1.43
C SER C 208 -5.82 -18.87 0.78
N LEU C 209 -6.13 -20.16 0.71
CA LEU C 209 -7.38 -20.61 0.11
C LEU C 209 -8.55 -20.00 0.87
N PHE C 210 -8.45 -20.00 2.20
CA PHE C 210 -9.42 -19.35 3.09
C PHE C 210 -9.43 -17.83 2.88
N GLU C 211 -8.25 -17.27 2.62
CA GLU C 211 -8.12 -15.83 2.47
C GLU C 211 -8.94 -15.40 1.27
N ARG C 212 -8.92 -16.21 0.22
CA ARG C 212 -9.75 -15.91 -0.93
C ARG C 212 -11.25 -16.02 -0.59
N ARG C 213 -11.60 -16.84 0.39
CA ARG C 213 -12.99 -16.95 0.83
C ARG C 213 -13.35 -15.62 1.47
N LEU C 214 -12.37 -14.97 2.08
CA LEU C 214 -12.62 -13.62 2.62
C LEU C 214 -12.36 -12.54 1.57
N ARG C 215 -11.10 -12.18 1.37
CA ARG C 215 -10.72 -11.15 0.39
C ARG C 215 -10.69 -11.71 -1.04
N MET D 1 16.85 -19.74 46.41
CA MET D 1 16.28 -19.13 47.59
C MET D 1 15.17 -18.13 47.27
N THR D 2 15.50 -16.84 47.41
CA THR D 2 14.67 -15.76 46.89
C THR D 2 15.59 -14.81 46.09
N VAL D 3 14.98 -13.85 45.41
CA VAL D 3 15.68 -12.99 44.44
C VAL D 3 16.81 -12.13 45.02
N ASP D 4 17.95 -12.12 44.33
CA ASP D 4 19.13 -11.35 44.73
C ASP D 4 19.93 -10.95 43.49
N PHE D 5 19.65 -9.76 42.96
CA PHE D 5 20.31 -9.32 41.73
C PHE D 5 21.70 -8.75 42.00
N LEU D 6 21.91 -8.26 43.22
CA LEU D 6 23.13 -7.57 43.54
C LEU D 6 24.31 -8.53 43.40
N SER D 7 24.08 -9.77 43.80
CA SER D 7 25.08 -10.83 43.67
C SER D 7 25.54 -11.03 42.23
N MET D 8 24.71 -10.60 41.28
CA MET D 8 24.97 -10.81 39.87
C MET D 8 26.07 -9.90 39.34
N VAL D 9 26.29 -8.76 40.01
CA VAL D 9 27.27 -7.78 39.57
C VAL D 9 28.67 -8.37 39.23
N LYS D 10 29.22 -9.20 40.10
CA LYS D 10 30.57 -9.71 39.89
C LYS D 10 30.70 -10.53 38.61
N TYR D 11 29.55 -10.92 38.07
CA TYR D 11 29.52 -11.78 36.89
C TYR D 11 29.41 -10.97 35.58
N THR D 12 29.42 -9.65 35.70
CA THR D 12 29.43 -8.75 34.56
C THR D 12 30.39 -9.16 33.42
N PRO D 13 31.63 -9.57 33.75
CA PRO D 13 32.48 -9.98 32.62
C PRO D 13 31.91 -11.15 31.83
N LEU D 14 31.08 -11.97 32.47
CA LEU D 14 30.52 -13.12 31.80
C LEU D 14 29.50 -12.67 30.75
N PHE D 15 28.62 -11.77 31.17
CA PHE D 15 27.62 -11.20 30.27
C PHE D 15 28.24 -10.47 29.08
N ILE D 16 29.12 -9.52 29.38
CA ILE D 16 29.81 -8.75 28.37
C ILE D 16 30.49 -9.67 27.38
N SER D 17 31.10 -10.74 27.89
CA SER D 17 31.74 -11.70 26.99
C SER D 17 30.68 -12.43 26.18
N GLY D 18 29.56 -12.72 26.83
CA GLY D 18 28.44 -13.37 26.18
C GLY D 18 27.90 -12.45 25.12
N LEU D 19 27.64 -11.20 25.52
CA LEU D 19 27.16 -10.17 24.61
C LEU D 19 28.02 -10.02 23.36
N ILE D 20 29.31 -9.77 23.57
CA ILE D 20 30.29 -9.67 22.50
C ILE D 20 30.27 -10.93 21.64
N MET D 21 29.97 -12.06 22.25
CA MET D 21 30.00 -13.31 21.52
C MET D 21 28.78 -13.45 20.61
N THR D 22 27.62 -12.99 21.09
CA THR D 22 26.41 -12.96 20.26
C THR D 22 26.57 -12.03 19.02
N LEU D 23 27.13 -10.85 19.25
CA LEU D 23 27.40 -9.88 18.17
C LEU D 23 28.24 -10.46 17.03
N LYS D 24 29.40 -11.00 17.40
CA LYS D 24 30.37 -11.59 16.47
C LYS D 24 29.74 -12.73 15.67
N LEU D 25 28.94 -13.56 16.35
CA LEU D 25 28.17 -14.62 15.69
C LEU D 25 27.21 -14.00 14.68
N THR D 26 26.39 -13.07 15.16
CA THR D 26 25.32 -12.49 14.36
C THR D 26 25.84 -11.66 13.17
N PHE D 27 26.78 -10.76 13.44
CA PHE D 27 27.40 -9.96 12.38
C PHE D 27 27.85 -10.83 11.23
N LEU D 28 28.67 -11.82 11.54
CA LEU D 28 29.19 -12.74 10.54
C LEU D 28 28.08 -13.52 9.83
N ALA D 29 27.05 -13.90 10.59
CA ALA D 29 25.98 -14.70 10.03
C ALA D 29 25.26 -13.90 8.95
N VAL D 30 24.90 -12.66 9.28
CA VAL D 30 24.26 -11.78 8.32
C VAL D 30 25.16 -11.53 7.09
N THR D 31 26.39 -11.06 7.30
CA THR D 31 27.33 -10.77 6.21
C THR D 31 27.45 -11.92 5.20
N ILE D 32 27.53 -13.13 5.70
CA ILE D 32 27.57 -14.28 4.81
C ILE D 32 26.16 -14.47 4.23
N GLY D 33 25.15 -14.39 5.10
CA GLY D 33 23.76 -14.64 4.74
C GLY D 33 23.21 -13.65 3.72
N VAL D 34 23.74 -12.42 3.74
CA VAL D 34 23.38 -11.41 2.76
C VAL D 34 23.99 -11.79 1.42
N LEU D 35 25.31 -12.03 1.41
CA LEU D 35 26.01 -12.45 0.20
C LEU D 35 25.41 -13.69 -0.41
N MET D 36 25.14 -14.68 0.44
CA MET D 36 24.50 -15.89 -0.03
C MET D 36 23.13 -15.57 -0.62
N GLY D 37 22.35 -14.76 0.11
CA GLY D 37 20.98 -14.41 -0.26
C GLY D 37 20.87 -13.68 -1.58
N LEU D 38 21.75 -12.70 -1.77
CA LEU D 38 21.88 -11.98 -3.02
C LEU D 38 22.09 -12.96 -4.18
N PHE D 39 22.97 -13.92 -3.97
CA PHE D 39 23.31 -14.94 -4.97
C PHE D 39 22.10 -15.82 -5.31
N ILE D 40 21.38 -16.26 -4.28
CA ILE D 40 20.20 -17.09 -4.48
C ILE D 40 19.18 -16.33 -5.32
N ALA D 41 19.10 -15.03 -5.06
CA ALA D 41 18.12 -14.18 -5.75
C ALA D 41 18.38 -14.21 -7.22
N LEU D 42 19.63 -13.94 -7.60
CA LEU D 42 20.07 -13.91 -8.98
C LEU D 42 19.65 -15.18 -9.72
N MET D 43 19.69 -16.30 -9.01
CA MET D 43 19.26 -17.58 -9.55
C MET D 43 17.77 -17.61 -9.86
N LYS D 44 16.97 -16.98 -9.01
CA LYS D 44 15.52 -17.05 -9.16
C LYS D 44 15.06 -16.18 -10.35
N MET D 45 15.94 -15.27 -10.78
CA MET D 45 15.66 -14.39 -11.90
C MET D 45 16.09 -14.98 -13.23
N SER D 46 16.97 -15.98 -13.16
CA SER D 46 17.54 -16.58 -14.37
C SER D 46 16.48 -17.29 -15.18
N SER D 47 16.62 -17.21 -16.51
CA SER D 47 15.68 -17.86 -17.41
C SER D 47 15.88 -19.36 -17.46
N ILE D 48 17.09 -19.79 -17.14
CA ILE D 48 17.41 -21.21 -17.12
C ILE D 48 16.58 -21.88 -16.02
N LYS D 49 15.51 -22.54 -16.44
CA LYS D 49 14.49 -23.14 -15.57
C LYS D 49 15.01 -24.01 -14.40
N PRO D 50 15.99 -24.90 -14.65
CA PRO D 50 16.48 -25.69 -13.51
C PRO D 50 16.97 -24.83 -12.36
N ILE D 51 17.75 -23.78 -12.67
CA ILE D 51 18.32 -22.90 -11.66
C ILE D 51 17.22 -22.22 -10.81
N LYS D 52 16.20 -21.70 -11.49
CA LYS D 52 15.07 -21.08 -10.82
C LYS D 52 14.34 -22.08 -9.93
N LEU D 53 14.20 -23.32 -10.42
CA LEU D 53 13.55 -24.38 -9.64
C LEU D 53 14.30 -24.71 -8.36
N VAL D 54 15.63 -24.76 -8.49
CA VAL D 54 16.50 -25.07 -7.37
C VAL D 54 16.43 -23.95 -6.32
N ALA D 55 16.55 -22.71 -6.77
CA ALA D 55 16.51 -21.58 -5.85
C ALA D 55 15.14 -21.47 -5.18
N SER D 56 14.09 -21.71 -5.94
CA SER D 56 12.74 -21.66 -5.40
C SER D 56 12.54 -22.75 -4.34
N SER D 57 13.01 -23.95 -4.65
CA SER D 57 12.88 -25.08 -3.73
C SER D 57 13.70 -24.83 -2.47
N TYR D 58 14.92 -24.34 -2.66
CA TYR D 58 15.79 -23.93 -1.57
C TYR D 58 15.07 -23.01 -0.62
N ILE D 59 14.70 -21.83 -1.13
CA ILE D 59 14.06 -20.79 -0.35
C ILE D 59 12.81 -21.30 0.38
N GLU D 60 11.96 -21.99 -0.37
CA GLU D 60 10.72 -22.53 0.18
C GLU D 60 10.99 -23.52 1.34
N VAL D 61 11.99 -24.39 1.15
CA VAL D 61 12.38 -25.40 2.15
C VAL D 61 12.96 -24.78 3.43
N ILE D 62 13.90 -23.86 3.27
CA ILE D 62 14.47 -23.19 4.42
C ILE D 62 13.47 -22.32 5.20
N ARG D 63 12.63 -21.58 4.48
CA ARG D 63 11.67 -20.72 5.16
C ARG D 63 10.58 -21.52 5.83
N GLY D 64 10.30 -22.69 5.27
CA GLY D 64 9.20 -23.51 5.76
C GLY D 64 9.64 -24.53 6.79
N THR D 65 10.85 -24.34 7.32
CA THR D 65 11.48 -25.32 8.19
C THR D 65 12.26 -24.64 9.33
N PRO D 66 12.25 -25.23 10.54
CA PRO D 66 12.77 -24.54 11.72
C PRO D 66 14.27 -24.24 11.69
N LEU D 67 14.68 -23.14 12.33
CA LEU D 67 16.09 -22.81 12.47
C LEU D 67 16.82 -23.90 13.31
N LEU D 68 16.20 -24.35 14.40
CA LEU D 68 16.81 -25.37 15.27
C LEU D 68 17.22 -26.59 14.46
N VAL D 69 16.25 -27.22 13.80
CA VAL D 69 16.48 -28.42 13.03
C VAL D 69 17.60 -28.22 11.99
N GLN D 70 17.77 -27.01 11.47
CA GLN D 70 18.88 -26.74 10.55
C GLN D 70 20.21 -26.76 11.32
N LEU D 71 20.20 -26.14 12.50
CA LEU D 71 21.37 -26.10 13.38
C LEU D 71 21.82 -27.54 13.70
N LEU D 72 20.92 -28.30 14.31
CA LEU D 72 21.22 -29.67 14.68
C LEU D 72 21.57 -30.53 13.46
N LEU D 73 20.91 -30.30 12.34
CA LEU D 73 21.27 -31.02 11.13
C LEU D 73 22.73 -30.75 10.79
N ILE D 74 23.19 -29.53 10.99
CA ILE D 74 24.60 -29.30 10.69
C ILE D 74 25.51 -29.94 11.75
N TYR D 75 25.21 -29.68 13.01
CA TYR D 75 26.08 -30.10 14.10
C TYR D 75 26.02 -31.61 14.29
N ASN D 76 24.88 -32.10 14.78
CA ASN D 76 24.70 -33.50 15.05
C ASN D 76 24.60 -34.39 13.82
N GLY D 77 23.78 -33.99 12.86
CA GLY D 77 23.52 -34.81 11.70
C GLY D 77 24.77 -35.07 10.89
N LEU D 78 25.80 -34.25 11.06
CA LEU D 78 27.02 -34.44 10.29
C LEU D 78 28.07 -35.27 11.03
N MET D 79 27.89 -35.45 12.34
CA MET D 79 28.84 -36.23 13.13
C MET D 79 29.09 -37.62 12.56
N GLN D 80 28.00 -38.32 12.23
CA GLN D 80 28.09 -39.68 11.73
C GLN D 80 28.84 -39.80 10.40
N PHE D 81 29.25 -38.67 9.84
CA PHE D 81 30.11 -38.66 8.66
C PHE D 81 31.52 -38.31 9.09
N GLY D 82 31.77 -38.49 10.38
CA GLY D 82 33.07 -38.22 10.96
C GLY D 82 33.36 -36.74 10.98
N MET D 83 32.32 -35.94 11.15
CA MET D 83 32.49 -34.50 11.13
C MET D 83 32.25 -33.88 12.49
N ASN D 84 33.20 -33.05 12.91
CA ASN D 84 33.08 -32.36 14.18
C ASN D 84 33.37 -30.88 14.01
N ILE D 85 32.46 -30.23 13.28
CA ILE D 85 32.52 -28.79 13.12
C ILE D 85 32.13 -28.18 14.46
N PRO D 86 32.89 -27.17 14.91
CA PRO D 86 32.68 -26.51 16.20
C PRO D 86 31.25 -26.03 16.38
N ALA D 87 30.89 -25.59 17.57
CA ALA D 87 29.57 -25.05 17.80
C ALA D 87 29.40 -23.78 16.95
N PHE D 88 30.49 -23.01 16.88
CA PHE D 88 30.51 -21.71 16.22
C PHE D 88 30.22 -21.82 14.73
N THR D 89 31.05 -22.55 13.98
CA THR D 89 30.81 -22.65 12.53
C THR D 89 29.46 -23.31 12.27
N ALA D 90 29.01 -24.18 13.16
CA ALA D 90 27.70 -24.81 12.99
C ALA D 90 26.62 -23.73 13.04
N GLY D 91 26.70 -22.88 14.06
CA GLY D 91 25.76 -21.79 14.27
C GLY D 91 25.77 -20.80 13.14
N VAL D 92 26.95 -20.26 12.81
CA VAL D 92 27.12 -19.35 11.70
C VAL D 92 26.58 -19.94 10.40
N SER D 93 26.90 -21.19 10.10
CA SER D 93 26.38 -21.81 8.88
C SER D 93 24.87 -21.82 8.92
N ALA D 94 24.31 -22.23 10.05
CA ALA D 94 22.85 -22.30 10.14
C ALA D 94 22.21 -20.93 9.91
N LEU D 95 22.68 -19.92 10.65
CA LEU D 95 22.13 -18.57 10.55
C LEU D 95 22.34 -17.95 9.16
N ALA D 96 23.55 -18.05 8.64
CA ALA D 96 23.83 -17.50 7.33
C ALA D 96 22.94 -18.15 6.28
N ILE D 97 22.58 -19.41 6.48
CA ILE D 97 21.70 -20.10 5.54
C ILE D 97 20.25 -19.61 5.65
N ASN D 98 19.71 -19.63 6.86
CA ASN D 98 18.35 -19.15 7.14
C ASN D 98 18.17 -17.70 6.63
N SER D 99 19.07 -16.84 7.09
CA SER D 99 19.12 -15.45 6.66
C SER D 99 19.34 -15.35 5.15
N SER D 100 20.07 -16.27 4.55
CA SER D 100 20.28 -16.18 3.10
C SER D 100 18.94 -16.33 2.39
N ALA D 101 18.14 -17.31 2.78
CA ALA D 101 16.84 -17.46 2.12
C ALA D 101 16.02 -16.18 2.28
N TYR D 102 15.85 -15.76 3.54
CA TYR D 102 15.00 -14.58 3.79
C TYR D 102 15.52 -13.32 3.07
N VAL D 103 16.83 -13.19 2.95
CA VAL D 103 17.40 -12.04 2.24
C VAL D 103 17.05 -12.13 0.76
N ALA D 104 17.15 -13.32 0.18
CA ALA D 104 16.77 -13.50 -1.23
C ALA D 104 15.33 -13.00 -1.51
N GLU D 105 14.41 -13.41 -0.64
CA GLU D 105 13.02 -12.96 -0.72
C GLU D 105 12.85 -11.44 -0.55
N ILE D 106 13.60 -10.86 0.39
CA ILE D 106 13.62 -9.41 0.59
C ILE D 106 14.05 -8.67 -0.68
N ILE D 107 15.10 -9.16 -1.32
CA ILE D 107 15.59 -8.51 -2.53
C ILE D 107 14.53 -8.58 -3.63
N ARG D 108 14.01 -9.77 -3.90
CA ARG D 108 12.97 -9.95 -4.92
C ARG D 108 11.81 -9.00 -4.66
N ALA D 109 11.44 -8.87 -3.39
CA ALA D 109 10.27 -8.06 -3.08
C ALA D 109 10.58 -6.58 -3.18
N GLY D 110 11.83 -6.20 -2.93
CA GLY D 110 12.23 -4.81 -2.95
C GLY D 110 12.22 -4.36 -4.39
N ILE D 111 12.50 -5.29 -5.27
CA ILE D 111 12.42 -5.02 -6.69
C ILE D 111 10.96 -4.93 -7.13
N GLN D 112 10.14 -5.87 -6.72
CA GLN D 112 8.77 -5.86 -7.19
C GLN D 112 8.01 -4.64 -6.64
N ALA D 113 8.62 -3.94 -5.69
CA ALA D 113 7.94 -2.83 -5.02
C ALA D 113 8.19 -1.51 -5.71
N VAL D 114 9.22 -1.42 -6.53
CA VAL D 114 9.39 -0.20 -7.31
C VAL D 114 8.32 -0.22 -8.40
N ASP D 115 7.65 0.93 -8.51
CA ASP D 115 6.50 1.16 -9.37
C ASP D 115 6.77 0.72 -10.82
N PRO D 116 5.91 -0.17 -11.33
CA PRO D 116 6.13 -0.72 -12.69
C PRO D 116 6.19 0.38 -13.75
N GLY D 117 5.63 1.53 -13.41
CA GLY D 117 5.69 2.68 -14.28
C GLY D 117 7.13 3.09 -14.57
N GLN D 118 8.02 2.88 -13.60
CA GLN D 118 9.44 3.18 -13.81
C GLN D 118 10.01 2.33 -14.92
N ASN D 119 9.69 1.04 -14.91
CA ASN D 119 10.17 0.19 -15.97
C ASN D 119 9.57 0.59 -17.30
N GLU D 120 8.25 0.83 -17.34
CA GLU D 120 7.58 1.24 -18.58
C GLU D 120 8.19 2.50 -19.16
N ALA D 121 8.44 3.49 -18.32
CA ALA D 121 9.08 4.72 -18.80
C ALA D 121 10.46 4.37 -19.37
N ALA D 122 11.25 3.57 -18.64
CA ALA D 122 12.57 3.18 -19.14
C ALA D 122 12.54 2.45 -20.50
N ARG D 123 11.67 1.46 -20.65
CA ARG D 123 11.59 0.72 -21.90
C ARG D 123 11.14 1.61 -23.03
N SER D 124 10.15 2.46 -22.75
CA SER D 124 9.55 3.28 -23.79
C SER D 124 10.53 4.34 -24.28
N LEU D 125 11.53 4.66 -23.48
CA LEU D 125 12.62 5.52 -23.93
C LEU D 125 13.76 4.75 -24.65
N GLY D 126 13.51 3.50 -24.98
CA GLY D 126 14.45 2.75 -25.79
C GLY D 126 15.49 1.96 -25.03
N MET D 127 15.55 2.13 -23.72
CA MET D 127 16.49 1.37 -22.87
C MET D 127 16.09 -0.09 -22.83
N THR D 128 17.07 -0.99 -22.92
CA THR D 128 16.86 -2.43 -22.76
C THR D 128 16.72 -2.78 -21.29
N HIS D 129 16.15 -3.95 -21.00
CA HIS D 129 15.92 -4.39 -19.61
C HIS D 129 17.15 -4.18 -18.75
N ALA D 130 18.31 -4.53 -19.27
CA ALA D 130 19.58 -4.39 -18.58
C ALA D 130 19.82 -2.99 -18.05
N MET D 131 19.69 -2.02 -18.95
CA MET D 131 19.92 -0.61 -18.64
C MET D 131 18.86 -0.09 -17.66
N ALA D 132 17.62 -0.56 -17.84
CA ALA D 132 16.55 -0.07 -17.01
C ALA D 132 16.85 -0.49 -15.60
N MET D 133 17.28 -1.74 -15.49
CA MET D 133 17.61 -2.39 -14.25
C MET D 133 18.78 -1.67 -13.59
N ARG D 134 19.80 -1.38 -14.37
CA ARG D 134 21.00 -0.74 -13.85
C ARG D 134 20.82 0.73 -13.45
N TYR D 135 20.25 1.52 -14.34
CA TYR D 135 20.20 2.97 -14.17
C TYR D 135 18.90 3.49 -13.54
N VAL D 136 17.86 2.67 -13.53
CA VAL D 136 16.54 3.13 -13.10
C VAL D 136 15.94 2.35 -11.92
N ILE D 137 15.75 1.04 -12.10
CA ILE D 137 15.03 0.22 -11.13
C ILE D 137 15.88 -0.16 -9.91
N ILE D 138 17.08 -0.69 -10.14
CA ILE D 138 17.87 -1.15 -9.01
C ILE D 138 18.21 0.00 -8.03
N PRO D 139 18.66 1.17 -8.52
CA PRO D 139 18.95 2.24 -7.57
C PRO D 139 17.79 2.60 -6.63
N GLN D 140 16.58 2.17 -6.98
CA GLN D 140 15.40 2.37 -6.16
C GLN D 140 15.09 1.14 -5.28
N ALA D 141 15.22 -0.05 -5.87
CA ALA D 141 15.03 -1.29 -5.12
C ALA D 141 15.94 -1.27 -3.90
N ILE D 142 17.16 -0.78 -4.06
CA ILE D 142 18.10 -0.68 -2.95
C ILE D 142 17.51 0.05 -1.73
N LYS D 143 16.91 1.21 -1.95
CA LYS D 143 16.30 1.98 -0.87
C LYS D 143 15.09 1.23 -0.33
N ASN D 144 14.53 0.33 -1.14
CA ASN D 144 13.50 -0.57 -0.60
C ASN D 144 14.08 -1.66 0.30
N ILE D 145 15.30 -2.08 0.01
CA ILE D 145 15.87 -3.29 0.58
C ILE D 145 16.64 -3.07 1.88
N LEU D 146 17.56 -2.10 1.88
CA LEU D 146 18.33 -1.77 3.08
C LEU D 146 17.51 -1.65 4.39
N PRO D 147 16.31 -1.05 4.34
CA PRO D 147 15.57 -1.08 5.62
C PRO D 147 15.16 -2.48 6.05
N ALA D 148 15.03 -3.41 5.11
CA ALA D 148 14.59 -4.74 5.47
C ALA D 148 15.77 -5.64 5.87
N LEU D 149 16.94 -5.37 5.29
CA LEU D 149 18.16 -6.08 5.65
C LEU D 149 18.58 -5.72 7.05
N GLY D 150 18.59 -4.41 7.32
CA GLY D 150 18.94 -3.90 8.64
C GLY D 150 18.03 -4.46 9.71
N ASN D 151 16.77 -4.62 9.36
CA ASN D 151 15.80 -5.17 10.28
C ASN D 151 16.01 -6.66 10.43
N GLU D 152 16.45 -7.32 9.37
CA GLU D 152 16.68 -8.75 9.39
C GLU D 152 17.73 -9.09 10.45
N PHE D 153 18.79 -8.29 10.45
CA PHE D 153 19.85 -8.34 11.45
C PHE D 153 19.24 -8.32 12.87
N ILE D 154 18.33 -7.39 13.13
CA ILE D 154 17.67 -7.30 14.43
C ILE D 154 16.95 -8.60 14.76
N VAL D 155 16.36 -9.25 13.76
CA VAL D 155 15.71 -10.54 14.04
C VAL D 155 16.75 -11.61 14.35
N MET D 156 17.88 -11.59 13.64
CA MET D 156 18.92 -12.61 13.80
C MET D 156 19.59 -12.52 15.16
N LEU D 157 19.58 -11.36 15.78
CA LEU D 157 20.09 -11.22 17.14
C LEU D 157 19.32 -12.11 18.09
N LYS D 158 18.00 -11.98 18.06
CA LYS D 158 17.14 -12.81 18.89
C LYS D 158 17.34 -14.29 18.54
N GLU D 159 17.43 -14.56 17.24
CA GLU D 159 17.54 -15.92 16.74
C GLU D 159 18.80 -16.60 17.32
N SER D 160 19.87 -15.81 17.40
CA SER D 160 21.19 -16.33 17.69
C SER D 160 21.30 -16.90 19.11
N ALA D 161 20.40 -16.49 19.99
CA ALA D 161 20.35 -17.06 21.31
C ALA D 161 20.13 -18.57 21.27
N ILE D 162 19.78 -19.11 20.11
CA ILE D 162 19.48 -20.53 20.05
C ILE D 162 20.73 -21.39 19.90
N VAL D 163 21.85 -20.77 19.57
CA VAL D 163 23.08 -21.53 19.42
C VAL D 163 23.64 -21.83 20.79
N SER D 164 22.96 -21.36 21.82
CA SER D 164 23.38 -21.68 23.16
C SER D 164 23.20 -23.19 23.35
N VAL D 165 22.08 -23.73 22.85
CA VAL D 165 21.76 -25.15 23.06
C VAL D 165 22.78 -26.12 22.43
N ILE D 166 23.68 -25.56 21.62
CA ILE D 166 24.72 -26.33 20.96
C ILE D 166 26.00 -26.19 21.78
N GLY D 167 25.94 -25.39 22.84
CA GLY D 167 27.08 -25.15 23.70
C GLY D 167 27.98 -23.99 23.30
N PHE D 168 27.44 -23.03 22.56
CA PHE D 168 28.20 -21.83 22.23
C PHE D 168 28.11 -20.82 23.37
N ALA D 169 29.22 -20.16 23.65
CA ALA D 169 29.29 -19.30 24.83
C ALA D 169 28.73 -17.93 24.55
N ASP D 170 27.52 -17.89 24.01
CA ASP D 170 26.87 -16.64 23.64
C ASP D 170 26.24 -16.02 24.88
N LEU D 171 25.42 -15.00 24.69
CA LEU D 171 24.85 -14.29 25.81
C LEU D 171 23.85 -15.15 26.62
N THR D 172 23.16 -16.07 25.96
CA THR D 172 22.11 -16.84 26.66
C THR D 172 22.74 -17.97 27.46
N ARG D 173 23.82 -18.51 26.93
CA ARG D 173 24.51 -19.63 27.57
C ARG D 173 24.98 -19.26 28.97
N GLN D 174 25.36 -18.00 29.17
CA GLN D 174 25.89 -17.53 30.45
C GLN D 174 25.01 -17.91 31.62
N ALA D 175 23.70 -17.88 31.46
CA ALA D 175 22.81 -18.20 32.59
C ALA D 175 23.03 -19.62 33.10
N ASP D 176 23.35 -20.55 32.22
CA ASP D 176 23.75 -21.87 32.68
C ASP D 176 25.04 -21.70 33.47
N ILE D 177 26.07 -21.17 32.81
CA ILE D 177 27.36 -20.93 33.46
C ILE D 177 27.22 -20.30 34.85
N ILE D 178 26.66 -19.10 34.90
CA ILE D 178 26.52 -18.43 36.19
C ILE D 178 25.81 -19.31 37.20
N GLN D 179 24.73 -19.98 36.82
CA GLN D 179 23.96 -20.75 37.80
C GLN D 179 24.79 -21.92 38.38
N SER D 180 25.73 -22.45 37.60
CA SER D 180 26.55 -23.56 38.05
C SER D 180 27.34 -23.17 39.30
N VAL D 181 27.49 -21.87 39.52
CA VAL D 181 28.29 -21.35 40.61
C VAL D 181 27.40 -20.59 41.59
N THR D 182 26.12 -20.44 41.25
CA THR D 182 25.23 -19.62 42.06
C THR D 182 23.88 -20.27 42.39
N TYR D 183 23.52 -21.29 41.62
CA TYR D 183 22.25 -22.02 41.75
C TYR D 183 21.02 -21.13 41.43
N ARG D 184 21.28 -19.98 40.81
CA ARG D 184 20.23 -19.04 40.41
C ARG D 184 20.02 -19.02 38.88
N TYR D 185 18.79 -19.29 38.45
CA TYR D 185 18.44 -19.28 37.02
C TYR D 185 17.67 -18.03 36.62
N PHE D 186 16.67 -17.68 37.42
CA PHE D 186 15.84 -16.50 37.22
C PHE D 186 16.64 -15.24 36.95
N GLU D 187 17.36 -14.76 37.94
CA GLU D 187 18.05 -13.48 37.84
C GLU D 187 18.98 -13.35 36.61
N PRO D 188 19.83 -14.36 36.34
CA PRO D 188 20.67 -14.17 35.14
C PRO D 188 19.88 -14.18 33.83
N TYR D 189 18.73 -14.86 33.80
CA TYR D 189 17.90 -14.84 32.61
C TYR D 189 17.24 -13.48 32.44
N ILE D 190 16.63 -12.96 33.50
CA ILE D 190 16.09 -11.60 33.44
C ILE D 190 17.17 -10.63 32.93
N ILE D 191 18.37 -10.69 33.50
CA ILE D 191 19.42 -9.80 33.01
C ILE D 191 19.66 -10.03 31.52
N ILE D 192 19.73 -11.29 31.11
CA ILE D 192 20.00 -11.59 29.71
C ILE D 192 18.92 -11.02 28.77
N ALA D 193 17.65 -11.26 29.13
CA ALA D 193 16.52 -10.72 28.40
C ALA D 193 16.61 -9.20 28.31
N ALA D 194 16.86 -8.55 29.44
CA ALA D 194 17.04 -7.09 29.45
C ALA D 194 18.12 -6.68 28.44
N ILE D 195 19.22 -7.41 28.39
CA ILE D 195 20.30 -7.10 27.44
C ILE D 195 19.87 -7.27 25.97
N TYR D 196 19.15 -8.35 25.67
CA TYR D 196 18.62 -8.58 24.32
C TYR D 196 17.66 -7.46 23.95
N PHE D 197 16.88 -7.05 24.93
CA PHE D 197 15.91 -6.00 24.75
C PHE D 197 16.63 -4.70 24.39
N VAL D 198 17.57 -4.27 25.23
CA VAL D 198 18.29 -3.04 24.96
C VAL D 198 18.94 -3.10 23.58
N MET D 199 19.46 -4.26 23.21
CA MET D 199 20.05 -4.38 21.89
C MET D 199 19.00 -4.16 20.78
N THR D 200 17.83 -4.77 20.94
CA THR D 200 16.76 -4.63 19.96
C THR D 200 16.30 -3.17 19.83
N LEU D 201 16.05 -2.51 20.96
CA LEU D 201 15.66 -1.10 20.94
C LEU D 201 16.70 -0.25 20.28
N THR D 202 17.94 -0.36 20.73
CA THR D 202 19.02 0.42 20.14
C THR D 202 19.06 0.25 18.60
N PHE D 203 19.17 -0.99 18.15
CA PHE D 203 19.29 -1.22 16.70
C PHE D 203 18.05 -0.78 15.93
N SER D 204 16.87 -0.89 16.53
CA SER D 204 15.63 -0.43 15.90
C SER D 204 15.63 1.10 15.74
N LYS D 205 16.05 1.78 16.80
CA LYS D 205 16.20 3.23 16.80
C LYS D 205 17.12 3.64 15.65
N LEU D 206 18.35 3.15 15.67
CA LEU D 206 19.31 3.49 14.62
C LEU D 206 18.83 3.13 13.20
N LEU D 207 18.19 1.98 13.07
CA LEU D 207 17.71 1.50 11.79
C LEU D 207 16.65 2.44 11.23
N SER D 208 15.64 2.77 12.05
CA SER D 208 14.56 3.64 11.57
C SER D 208 15.11 5.03 11.28
N LEU D 209 16.08 5.45 12.08
CA LEU D 209 16.72 6.75 11.89
C LEU D 209 17.39 6.81 10.50
N PHE D 210 18.07 5.72 10.15
CA PHE D 210 18.65 5.55 8.81
C PHE D 210 17.55 5.53 7.75
N GLU D 211 16.42 4.92 8.09
CA GLU D 211 15.30 4.78 7.17
C GLU D 211 14.60 6.08 6.79
N ARG D 212 14.38 6.97 7.76
CA ARG D 212 13.68 8.23 7.45
C ARG D 212 14.49 9.12 6.50
N ARG D 213 15.81 8.96 6.54
CA ARG D 213 16.70 9.72 5.67
C ARG D 213 16.57 9.31 4.20
N LEU D 214 16.24 8.06 3.96
CA LEU D 214 16.05 7.58 2.59
C LEU D 214 14.61 7.79 2.09
#